data_9IZF
#
_entry.id   9IZF
#
_cell.length_a   1.00
_cell.length_b   1.00
_cell.length_c   1.00
_cell.angle_alpha   90.00
_cell.angle_beta   90.00
_cell.angle_gamma   90.00
#
_symmetry.space_group_name_H-M   'P 1'
#
loop_
_entity.id
_entity.type
_entity.pdbx_description
1 polymer 'Soluble cytochrome b562,Lysophosphatidic acid receptor 1,LgBiT tag'
2 polymer 'Guanine nucleotide-binding protein G(i) subunit alpha-1'
3 polymer 'Guanine nucleotide-binding protein G(I)/G(S)/G(T) subunit beta-1'
4 polymer 'Guanine nucleotide-binding protein G(I)/G(S)/G(O) subunit gamma-2'
5 polymer scFv16
6 non-polymer '(2R)-2-hydroxy-3-(phosphonooxy)propyl (9E)-octadec-9-enoate'
#
loop_
_entity_poly.entity_id
_entity_poly.type
_entity_poly.pdbx_seq_one_letter_code
_entity_poly.pdbx_strand_id
1 'polypeptide(L)'
;MKTIIALSYIFCLVFADYKDDDDKADLEDNWETLNDNLKVIEKADNAAQVKDALTKMRAAALDAQKATPPKLEDKSPDSP
EMKDFRHGFDILVGQIDDALKLANEGKVKEAQAAAEQLKTTRNAYIQKYLAAISTSIPVISQPQFTAMNEPQCFYNESIA
FFYNRSGKHLATEWNTVSKLVMGLGITVCIFIMLANLLVMVAIYVNRRFHFPIYYLMANLAAADFFAGLAYFYLMFNTGP
NTRRLTVSTWLLRQGLIDTSLTASVANLLAIAIERHITVFRMQLHTRMSNRRVVVVIVVIWTMAIVMGAIPSVGWNCICD
IENCSNMAPLYSDSYLVFWAIFNLVTFVVMVVLYAHIFGYVRQRTMRMSRHSSGPRRNRDTMMSLLKTVVIVLGAFIICW
TPGLVLLLLDVCCPQCDVLAYEKFFLLLAEFNSAMNPIIYSYRDKEMSATFRQILCCQRSENPTGPTEGSDRSASSLNHT
ILAGVHSNDHSVVVFTLEDFVGDWEQTAAYNLDQVLEQGGVSSLLQNLAVSVTPIQRIVRSGENALKIDIHVIIPYEGLS
ADQMAQIEEVFKVVYPVDDHHFKVILPYGTLVIDGVTPNMLNYFGRPYEGIAVFDGKKITVTGTLWNGNKIIDERLITPD
GSMLFRVTINS
;
R
2 'polypeptide(L)'
;MGCTLSAEDKAAVERSKMIDRNLREDGEKAAREVKLLLLGAGESGKSTIVKQMKIIHEAGYSEEECKQYKAVVYSNTIQS
IIAIIRAMGRLKIDFGDSARADDARQLFVLAGAAEEGFMTAELAGVIKRLWKDSGVQACFNRSREYQLNDSAAYYLNDLD
RIAQPNYIPTQQDVLRTRVKTTGIVETHFTFKDLHFKMFDVGAQRSERKKWIHCFEGVAAIIFCVALSDYDLVLAEDEEM
NRMHESMKLFDSICNNKWFTDTSIILFLNKKDLFEEKIKKSPLTICYQEYAGSNTYEEAAAYIQCQFEDLNKRKDTKEIY
THFTCSTDTKNVQFVFDAVTDVIIKNNLKDCGLF
;
A
3 'polypeptide(L)'
;MHHHHHHHHENLYFQGSSELDQLRQEAEQLKNQIRDARKACADATLSQITNNIDPVGRIQMRTRRTLRGHLAKIYAMHWG
TDSRLLVSASQDGKLIIWDSYTTNKVHAIPLRSSWVMTCAYAPSGNYVACGGLDNICSIYNLKTREGNVRVSRELAGHTG
YLSCCRFLDDNQIVTSSGDTTCALWDIETGQQTTTFTGHTGDVMSLSLAPDTRLFVSGACDASAKLWDVREGMCRQTFTG
HESDINAICFFPNGNAFATGSDDATCRLFDLRADQELMTYSHDNIICGITSVSFSKSGRLLLAGYDDFNCNVWDALKADR
AGVLAGHDNRVSCLGVTDDGMAVATGSWDSFLKIWNGGSGGGGSGGSSSGGVSGWRLFKKIS
;
B
4 'polypeptide(L)' ASNNTASIAQARKLVEQLKMEANIDRIKVSKAAADLMAYCEAHAKEDPLLTPVPASENPFREKKFFCAIL C
5 'polypeptide(L)'
;DVQLVESGGGLVQPGGSRKLSCSASGFAFSSFGMHWVRQAPEKGLEWVAYISSGSGTIYYADTVKGRFTISRDDPKNTLF
LQMTSLRSEDTAMYYCVRSIYYYGSSPFDFWGQGTTLTVSSGGGGSGGGGSGGGGSDIVMTQATSSVPVTPGESVSISCR
SSKSLLHSNGNTYLYWFLQRPGQSPQLLIYRMSNLASGVPDRFSGSGSGTAFTLTISRLEAEDVGVYYCMQHLEYPLTFG
AGTKLELK
;
S
#
loop_
_chem_comp.id
_chem_comp.type
_chem_comp.name
_chem_comp.formula
NKP non-polymer '(2R)-2-hydroxy-3-(phosphonooxy)propyl (9E)-octadec-9-enoate' 'C21 H41 O7 P'
#
# COMPACT_ATOMS: atom_id res chain seq x y z
N SER A 158 -36.97 -45.04 23.46
CA SER A 158 -37.16 -45.98 22.36
C SER A 158 -37.21 -45.25 21.02
N ILE A 159 -36.79 -45.93 19.96
CA ILE A 159 -36.79 -45.35 18.62
C ILE A 159 -37.90 -45.90 17.74
N ALA A 160 -38.45 -47.08 18.04
CA ALA A 160 -39.54 -47.63 17.24
C ALA A 160 -40.86 -46.92 17.49
N PHE A 161 -40.93 -46.03 18.48
CA PHE A 161 -42.14 -45.29 18.75
C PHE A 161 -42.52 -44.41 17.57
N PHE A 162 -41.54 -43.71 16.99
CA PHE A 162 -41.84 -42.78 15.91
C PHE A 162 -41.77 -43.45 14.53
N TYR A 163 -40.89 -44.44 14.37
CA TYR A 163 -40.76 -45.09 13.07
C TYR A 163 -42.04 -45.83 12.70
N ASN A 164 -42.64 -46.55 13.65
CA ASN A 164 -43.84 -47.32 13.36
C ASN A 164 -45.06 -46.41 13.18
N ARG A 165 -45.14 -45.32 13.93
CA ARG A 165 -46.27 -44.40 13.80
C ARG A 165 -46.28 -43.73 12.42
N SER A 166 -45.11 -43.30 11.95
CA SER A 166 -45.01 -42.65 10.65
C SER A 166 -45.03 -43.63 9.48
N GLY A 167 -44.87 -44.93 9.74
CA GLY A 167 -44.96 -45.93 8.70
C GLY A 167 -43.64 -46.47 8.20
N LYS A 168 -42.52 -46.08 8.80
CA LYS A 168 -41.22 -46.60 8.36
C LYS A 168 -41.02 -48.02 8.88
N HIS A 169 -40.01 -48.69 8.33
CA HIS A 169 -39.73 -50.08 8.62
C HIS A 169 -38.38 -50.22 9.32
N LEU A 170 -38.33 -51.08 10.32
CA LEU A 170 -37.10 -51.33 11.07
C LEU A 170 -36.31 -52.44 10.39
N ALA A 171 -35.22 -52.06 9.72
CA ALA A 171 -34.33 -53.04 9.09
C ALA A 171 -33.41 -53.61 10.17
N THR A 172 -33.96 -54.55 10.94
CA THR A 172 -33.22 -55.14 12.05
C THR A 172 -32.07 -56.02 11.59
N GLU A 173 -32.07 -56.47 10.34
CA GLU A 173 -31.00 -57.28 9.78
C GLU A 173 -30.37 -56.54 8.60
N TRP A 174 -29.46 -57.23 7.93
CA TRP A 174 -28.80 -56.69 6.74
C TRP A 174 -29.70 -56.92 5.54
N ASN A 175 -30.67 -56.02 5.38
CA ASN A 175 -31.56 -56.08 4.22
C ASN A 175 -30.79 -55.80 2.94
N THR A 176 -31.27 -56.41 1.84
CA THR A 176 -30.59 -56.24 0.56
C THR A 176 -30.58 -54.79 0.11
N VAL A 177 -31.62 -54.03 0.44
CA VAL A 177 -31.60 -52.58 0.19
C VAL A 177 -30.59 -51.91 1.10
N SER A 178 -30.46 -52.38 2.34
CA SER A 178 -29.57 -51.75 3.31
C SER A 178 -28.11 -51.87 2.91
N LYS A 179 -27.69 -53.04 2.40
CA LYS A 179 -26.34 -53.16 1.88
C LYS A 179 -26.16 -52.33 0.62
N LEU A 180 -27.21 -52.18 -0.18
CA LEU A 180 -27.11 -51.42 -1.42
C LEU A 180 -26.91 -49.93 -1.14
N VAL A 181 -27.74 -49.35 -0.27
CA VAL A 181 -27.62 -47.93 0.03
C VAL A 181 -26.31 -47.65 0.76
N MET A 182 -25.79 -48.61 1.52
CA MET A 182 -24.45 -48.49 2.07
C MET A 182 -23.39 -48.86 1.03
N GLY A 183 -23.77 -49.60 -0.01
CA GLY A 183 -22.80 -50.00 -1.02
C GLY A 183 -22.29 -48.82 -1.83
N LEU A 184 -23.20 -47.99 -2.34
CA LEU A 184 -22.80 -46.77 -3.01
C LEU A 184 -22.54 -45.63 -2.04
N GLY A 185 -22.84 -45.81 -0.76
CA GLY A 185 -22.66 -44.75 0.20
C GLY A 185 -21.24 -44.63 0.71
N ILE A 186 -20.58 -45.75 0.96
CA ILE A 186 -19.20 -45.71 1.45
C ILE A 186 -18.28 -45.15 0.38
N THR A 187 -18.54 -45.47 -0.89
CA THR A 187 -17.75 -44.91 -1.98
C THR A 187 -17.99 -43.41 -2.13
N VAL A 188 -19.25 -42.99 -2.00
CA VAL A 188 -19.56 -41.57 -2.10
C VAL A 188 -19.01 -40.81 -0.90
N CYS A 189 -19.11 -41.39 0.29
CA CYS A 189 -18.57 -40.74 1.49
C CYS A 189 -17.07 -40.53 1.39
N ILE A 190 -16.35 -41.49 0.83
CA ILE A 190 -14.92 -41.33 0.59
C ILE A 190 -14.68 -40.20 -0.40
N PHE A 191 -15.47 -40.17 -1.48
CA PHE A 191 -15.27 -39.16 -2.51
C PHE A 191 -15.61 -37.76 -2.00
N ILE A 192 -16.65 -37.63 -1.17
CA ILE A 192 -16.98 -36.33 -0.59
C ILE A 192 -15.87 -35.86 0.33
N MET A 193 -15.36 -36.75 1.18
CA MET A 193 -14.37 -36.36 2.17
C MET A 193 -13.02 -36.06 1.51
N LEU A 194 -12.57 -36.95 0.62
CA LEU A 194 -11.21 -36.84 0.09
C LEU A 194 -11.07 -35.67 -0.87
N ALA A 195 -12.03 -35.50 -1.77
CA ALA A 195 -11.94 -34.44 -2.77
C ALA A 195 -12.05 -33.06 -2.14
N ASN A 196 -12.95 -32.90 -1.17
CA ASN A 196 -13.14 -31.59 -0.55
C ASN A 196 -11.98 -31.24 0.37
N LEU A 197 -11.42 -32.23 1.06
CA LEU A 197 -10.23 -31.97 1.87
C LEU A 197 -9.05 -31.60 1.00
N LEU A 198 -8.98 -32.17 -0.20
CA LEU A 198 -7.94 -31.80 -1.16
C LEU A 198 -8.09 -30.34 -1.59
N VAL A 199 -9.34 -29.90 -1.80
CA VAL A 199 -9.59 -28.50 -2.16
C VAL A 199 -9.18 -27.59 -1.02
N MET A 200 -9.52 -27.97 0.21
CA MET A 200 -9.12 -27.19 1.38
C MET A 200 -7.60 -27.13 1.53
N VAL A 201 -6.93 -28.26 1.30
CA VAL A 201 -5.48 -28.30 1.45
C VAL A 201 -4.81 -27.47 0.36
N ALA A 202 -5.24 -27.66 -0.90
CA ALA A 202 -4.61 -26.97 -2.02
C ALA A 202 -4.79 -25.46 -1.93
N ILE A 203 -5.97 -25.01 -1.48
CA ILE A 203 -6.19 -23.58 -1.30
C ILE A 203 -5.32 -23.03 -0.19
N TYR A 204 -5.21 -23.73 0.94
CA TYR A 204 -4.43 -23.27 2.08
C TYR A 204 -2.93 -23.23 1.80
N VAL A 205 -2.39 -24.26 1.16
CA VAL A 205 -0.94 -24.34 0.94
C VAL A 205 -0.46 -23.45 -0.19
N ASN A 206 -1.36 -22.91 -1.00
CA ASN A 206 -0.98 -22.06 -2.12
C ASN A 206 -1.34 -20.62 -1.78
N ARG A 207 -0.33 -19.74 -1.82
CA ARG A 207 -0.51 -18.34 -1.44
C ARG A 207 -1.23 -17.52 -2.50
N ARG A 208 -1.26 -18.00 -3.75
CA ARG A 208 -1.95 -17.25 -4.80
C ARG A 208 -3.46 -17.32 -4.63
N PHE A 209 -3.96 -18.39 -4.02
CA PHE A 209 -5.41 -18.60 -3.89
C PHE A 209 -6.01 -17.84 -2.72
N HIS A 210 -5.20 -17.12 -1.95
CA HIS A 210 -5.69 -16.41 -0.76
C HIS A 210 -6.47 -15.17 -1.20
N PHE A 211 -7.68 -15.41 -1.70
CA PHE A 211 -8.55 -14.38 -2.21
C PHE A 211 -9.95 -14.56 -1.64
N PRO A 212 -10.74 -13.47 -1.55
CA PRO A 212 -12.07 -13.58 -0.91
C PRO A 212 -13.01 -14.59 -1.57
N ILE A 213 -12.97 -14.70 -2.90
CA ILE A 213 -13.86 -15.65 -3.58
C ILE A 213 -13.41 -17.08 -3.31
N TYR A 214 -12.10 -17.34 -3.33
CA TYR A 214 -11.62 -18.71 -3.17
C TYR A 214 -11.79 -19.21 -1.74
N TYR A 215 -11.94 -18.32 -0.76
CA TYR A 215 -12.27 -18.76 0.59
C TYR A 215 -13.65 -19.40 0.63
N LEU A 216 -14.62 -18.83 -0.10
CA LEU A 216 -15.94 -19.43 -0.20
C LEU A 216 -15.91 -20.75 -0.94
N MET A 217 -14.92 -20.98 -1.81
CA MET A 217 -14.73 -22.29 -2.38
C MET A 217 -14.08 -23.26 -1.39
N ALA A 218 -13.22 -22.74 -0.51
CA ALA A 218 -12.68 -23.57 0.56
C ALA A 218 -13.71 -23.83 1.64
N ASN A 219 -14.48 -22.79 2.01
CA ASN A 219 -15.52 -22.96 3.01
C ASN A 219 -16.63 -23.89 2.53
N LEU A 220 -16.93 -23.86 1.23
CA LEU A 220 -17.84 -24.84 0.66
C LEU A 220 -17.27 -26.24 0.78
N ALA A 221 -15.97 -26.38 0.53
CA ALA A 221 -15.31 -27.68 0.72
C ALA A 221 -15.33 -28.11 2.19
N ALA A 222 -15.16 -27.15 3.10
CA ALA A 222 -15.29 -27.45 4.52
C ALA A 222 -16.71 -27.90 4.86
N ALA A 223 -17.71 -27.22 4.29
CA ALA A 223 -19.10 -27.61 4.52
C ALA A 223 -19.40 -28.97 3.91
N ASP A 224 -18.86 -29.24 2.72
CA ASP A 224 -19.06 -30.55 2.11
C ASP A 224 -18.28 -31.62 2.85
N PHE A 225 -17.10 -31.29 3.38
CA PHE A 225 -16.35 -32.23 4.21
C PHE A 225 -17.17 -32.63 5.42
N PHE A 226 -17.90 -31.67 6.01
CA PHE A 226 -18.85 -31.99 7.07
C PHE A 226 -20.01 -32.82 6.55
N ALA A 227 -20.39 -32.64 5.29
CA ALA A 227 -21.46 -33.45 4.70
C ALA A 227 -21.02 -34.89 4.54
N GLY A 228 -19.77 -35.12 4.16
CA GLY A 228 -19.26 -36.47 4.12
C GLY A 228 -19.11 -37.08 5.50
N LEU A 229 -18.66 -36.28 6.46
CA LEU A 229 -18.52 -36.77 7.83
C LEU A 229 -19.87 -37.08 8.45
N ALA A 230 -20.87 -36.23 8.21
CA ALA A 230 -22.21 -36.50 8.73
C ALA A 230 -22.80 -37.76 8.08
N TYR A 231 -22.61 -37.92 6.77
CA TYR A 231 -23.13 -39.11 6.09
C TYR A 231 -22.39 -40.36 6.53
N PHE A 232 -21.07 -40.26 6.75
CA PHE A 232 -20.31 -41.40 7.24
C PHE A 232 -20.79 -41.80 8.64
N TYR A 233 -21.07 -40.82 9.49
CA TYR A 233 -21.63 -41.12 10.81
C TYR A 233 -23.07 -41.61 10.70
N LEU A 234 -23.84 -41.06 9.75
CA LEU A 234 -25.23 -41.48 9.59
C LEU A 234 -25.33 -42.89 9.05
N MET A 235 -24.42 -43.26 8.12
CA MET A 235 -24.46 -44.61 7.56
C MET A 235 -24.13 -45.66 8.62
N PHE A 236 -23.17 -45.37 9.49
CA PHE A 236 -22.88 -46.26 10.61
C PHE A 236 -23.97 -46.22 11.67
N ASN A 237 -24.91 -45.28 11.57
CA ASN A 237 -26.02 -45.16 12.50
C ASN A 237 -27.34 -45.65 11.93
N THR A 238 -27.38 -46.08 10.68
CA THR A 238 -28.59 -46.59 10.05
C THR A 238 -28.40 -48.05 9.67
N GLY A 239 -29.43 -48.61 9.03
CA GLY A 239 -29.43 -50.01 8.67
C GLY A 239 -29.77 -50.89 9.85
N PRO A 240 -28.90 -51.85 10.16
CA PRO A 240 -29.08 -52.64 11.40
C PRO A 240 -28.78 -51.85 12.66
N ASN A 241 -28.16 -50.68 12.56
CA ASN A 241 -27.75 -49.90 13.72
C ASN A 241 -28.75 -48.83 14.12
N THR A 242 -29.87 -48.69 13.40
CA THR A 242 -30.81 -47.62 13.71
C THR A 242 -31.72 -47.96 14.89
N ARG A 243 -31.90 -49.23 15.22
CA ARG A 243 -32.79 -49.60 16.30
C ARG A 243 -32.21 -49.32 17.67
N ARG A 244 -30.88 -49.28 17.80
CA ARG A 244 -30.23 -49.03 19.09
C ARG A 244 -29.97 -47.54 19.30
N LEU A 245 -31.01 -46.73 19.11
CA LEU A 245 -30.93 -45.29 19.24
C LEU A 245 -32.01 -44.79 20.19
N THR A 246 -31.72 -43.68 20.87
CA THR A 246 -32.70 -42.98 21.67
C THR A 246 -33.15 -41.72 20.92
N VAL A 247 -34.07 -40.97 21.54
CA VAL A 247 -34.59 -39.78 20.89
C VAL A 247 -33.52 -38.69 20.79
N SER A 248 -32.71 -38.53 21.84
CA SER A 248 -31.75 -37.44 21.88
C SER A 248 -30.62 -37.66 20.88
N THR A 249 -30.04 -38.87 20.84
CA THR A 249 -28.93 -39.12 19.95
C THR A 249 -29.35 -39.31 18.50
N TRP A 250 -30.63 -39.61 18.25
CA TRP A 250 -31.10 -39.67 16.87
C TRP A 250 -31.21 -38.27 16.27
N LEU A 251 -31.61 -37.29 17.08
CA LEU A 251 -31.62 -35.91 16.63
C LEU A 251 -30.21 -35.38 16.42
N LEU A 252 -29.22 -35.97 17.09
CA LEU A 252 -27.82 -35.64 16.82
C LEU A 252 -27.36 -36.25 15.52
N ARG A 253 -28.03 -37.29 15.03
CA ARG A 253 -27.71 -37.86 13.72
C ARG A 253 -28.36 -37.04 12.60
N GLN A 254 -29.69 -36.90 12.64
CA GLN A 254 -30.39 -36.15 11.61
C GLN A 254 -30.08 -34.66 11.68
N GLY A 255 -29.82 -34.14 12.87
CA GLY A 255 -29.42 -32.75 12.99
C GLY A 255 -28.02 -32.50 12.46
N LEU A 256 -27.17 -33.52 12.48
CA LEU A 256 -25.82 -33.38 11.93
C LEU A 256 -25.84 -33.40 10.40
N ILE A 257 -26.79 -34.09 9.79
CA ILE A 257 -26.90 -34.10 8.34
C ILE A 257 -27.74 -32.93 7.83
N ASP A 258 -28.56 -32.32 8.69
CA ASP A 258 -29.31 -31.13 8.30
C ASP A 258 -28.42 -29.90 8.30
N THR A 259 -27.50 -29.80 9.25
CA THR A 259 -26.54 -28.70 9.25
C THR A 259 -25.38 -28.95 8.32
N SER A 260 -25.18 -30.19 7.86
CA SER A 260 -24.12 -30.48 6.91
C SER A 260 -24.48 -30.04 5.50
N LEU A 261 -25.78 -30.00 5.18
CA LEU A 261 -26.23 -29.61 3.86
C LEU A 261 -26.67 -28.15 3.79
N THR A 262 -27.23 -27.61 4.87
CA THR A 262 -27.48 -26.17 4.92
C THR A 262 -26.17 -25.40 4.84
N ALA A 263 -25.13 -25.92 5.49
CA ALA A 263 -23.80 -25.32 5.33
C ALA A 263 -23.30 -25.44 3.90
N SER A 264 -23.62 -26.54 3.22
CA SER A 264 -23.20 -26.71 1.84
C SER A 264 -24.00 -25.81 0.91
N VAL A 265 -25.32 -25.75 1.10
CA VAL A 265 -26.17 -24.96 0.20
C VAL A 265 -25.94 -23.47 0.42
N ALA A 266 -25.80 -23.03 1.68
CA ALA A 266 -25.54 -21.62 1.94
C ALA A 266 -24.17 -21.21 1.41
N ASN A 267 -23.18 -22.10 1.51
CA ASN A 267 -21.88 -21.83 0.89
C ASN A 267 -22.01 -21.76 -0.62
N LEU A 268 -22.84 -22.64 -1.21
CA LEU A 268 -23.08 -22.59 -2.64
C LEU A 268 -23.74 -21.28 -3.06
N LEU A 269 -24.70 -20.80 -2.28
CA LEU A 269 -25.34 -19.53 -2.59
C LEU A 269 -24.38 -18.36 -2.38
N ALA A 270 -23.51 -18.47 -1.37
CA ALA A 270 -22.59 -17.37 -1.08
C ALA A 270 -21.57 -17.17 -2.20
N ILE A 271 -21.20 -18.24 -2.90
CA ILE A 271 -20.36 -18.08 -4.07
C ILE A 271 -21.14 -17.40 -5.20
N ALA A 272 -22.39 -17.81 -5.39
CA ALA A 272 -23.23 -17.14 -6.39
C ALA A 272 -23.51 -15.69 -6.02
N ILE A 273 -23.57 -15.39 -4.73
CA ILE A 273 -23.69 -14.00 -4.30
C ILE A 273 -22.39 -13.25 -4.55
N GLU A 274 -21.26 -13.88 -4.22
CA GLU A 274 -19.96 -13.25 -4.44
C GLU A 274 -19.67 -13.04 -5.91
N ARG A 275 -20.03 -14.03 -6.75
CA ARG A 275 -19.82 -13.90 -8.18
C ARG A 275 -20.63 -12.75 -8.78
N HIS A 276 -21.84 -12.52 -8.26
CA HIS A 276 -22.60 -11.35 -8.69
C HIS A 276 -22.00 -10.05 -8.19
N ILE A 277 -21.11 -10.11 -7.20
CA ILE A 277 -20.47 -8.91 -6.67
C ILE A 277 -19.19 -8.57 -7.44
N THR A 278 -18.32 -9.57 -7.64
CA THR A 278 -17.05 -9.35 -8.32
C THR A 278 -17.17 -9.49 -9.83
N VAL A 279 -18.37 -9.31 -10.39
CA VAL A 279 -18.57 -9.21 -11.82
C VAL A 279 -19.11 -7.84 -12.22
N PHE A 280 -20.05 -7.31 -11.45
CA PHE A 280 -20.65 -6.01 -11.74
C PHE A 280 -19.78 -4.85 -11.31
N ARG A 281 -18.67 -5.10 -10.62
CA ARG A 281 -17.75 -4.02 -10.27
C ARG A 281 -17.06 -3.50 -11.52
N MET A 282 -16.80 -2.20 -11.54
CA MET A 282 -16.25 -1.52 -12.71
C MET A 282 -14.84 -1.01 -12.45
N GLN A 283 -14.02 -1.80 -11.78
CA GLN A 283 -12.63 -1.49 -11.52
C GLN A 283 -11.78 -2.68 -11.92
N LEU A 284 -10.61 -2.42 -12.51
CA LEU A 284 -9.73 -3.51 -12.92
C LEU A 284 -9.21 -4.28 -11.71
N HIS A 285 -8.78 -3.57 -10.66
CA HIS A 285 -8.39 -4.20 -9.41
C HIS A 285 -9.06 -3.46 -8.27
N THR A 286 -9.75 -4.22 -7.41
CA THR A 286 -10.42 -3.69 -6.23
C THR A 286 -9.71 -4.21 -4.99
N ARG A 287 -9.61 -3.36 -3.97
CA ARG A 287 -8.91 -3.74 -2.74
C ARG A 287 -9.56 -4.96 -2.09
N MET A 288 -8.74 -5.94 -1.75
CA MET A 288 -9.22 -7.23 -1.25
C MET A 288 -9.66 -7.07 0.21
N SER A 289 -10.89 -6.58 0.38
CA SER A 289 -11.49 -6.45 1.70
C SER A 289 -11.85 -7.85 2.19
N ASN A 290 -10.99 -8.42 3.03
CA ASN A 290 -11.21 -9.78 3.53
C ASN A 290 -12.35 -9.86 4.53
N ARG A 291 -12.87 -8.74 5.02
CA ARG A 291 -13.92 -8.74 6.03
C ARG A 291 -15.29 -9.01 5.46
N ARG A 292 -15.47 -8.96 4.14
CA ARG A 292 -16.78 -9.21 3.54
C ARG A 292 -17.07 -10.69 3.33
N VAL A 293 -16.06 -11.55 3.41
CA VAL A 293 -16.29 -12.99 3.29
C VAL A 293 -16.17 -13.70 4.63
N VAL A 294 -15.33 -13.22 5.55
CA VAL A 294 -15.29 -13.80 6.89
C VAL A 294 -16.60 -13.54 7.62
N VAL A 295 -17.19 -12.37 7.40
CA VAL A 295 -18.52 -12.08 7.94
C VAL A 295 -19.54 -13.05 7.34
N VAL A 296 -19.46 -13.30 6.04
CA VAL A 296 -20.38 -14.22 5.39
C VAL A 296 -20.13 -15.65 5.84
N ILE A 297 -18.86 -16.03 5.99
CA ILE A 297 -18.54 -17.40 6.40
C ILE A 297 -19.10 -17.70 7.78
N VAL A 298 -18.91 -16.78 8.74
CA VAL A 298 -19.51 -16.95 10.06
C VAL A 298 -21.01 -16.71 10.06
N VAL A 299 -21.57 -16.24 8.95
CA VAL A 299 -23.02 -16.19 8.80
C VAL A 299 -23.53 -17.47 8.12
N ILE A 300 -22.75 -18.04 7.20
CA ILE A 300 -23.10 -19.34 6.61
C ILE A 300 -23.22 -20.39 7.71
N TRP A 301 -22.23 -20.46 8.59
CA TRP A 301 -22.29 -21.41 9.69
C TRP A 301 -23.30 -20.99 10.74
N THR A 302 -23.59 -19.70 10.86
CA THR A 302 -24.67 -19.25 11.73
C THR A 302 -26.01 -19.79 11.24
N MET A 303 -26.26 -19.68 9.93
CA MET A 303 -27.46 -20.28 9.35
C MET A 303 -27.42 -21.80 9.42
N ALA A 304 -26.22 -22.38 9.29
CA ALA A 304 -26.09 -23.84 9.33
C ALA A 304 -26.35 -24.38 10.73
N ILE A 305 -25.72 -23.77 11.74
CA ILE A 305 -25.84 -24.29 13.11
C ILE A 305 -27.25 -24.05 13.65
N VAL A 306 -27.81 -22.87 13.42
CA VAL A 306 -29.13 -22.55 13.95
C VAL A 306 -30.18 -23.44 13.33
N MET A 307 -30.20 -23.52 11.99
CA MET A 307 -31.23 -24.30 11.32
C MET A 307 -30.98 -25.80 11.46
N GLY A 308 -29.71 -26.21 11.58
CA GLY A 308 -29.40 -27.60 11.82
C GLY A 308 -29.59 -28.07 13.25
N ALA A 309 -29.87 -27.15 14.18
CA ALA A 309 -30.15 -27.51 15.56
C ALA A 309 -31.52 -27.04 16.03
N ILE A 310 -32.27 -26.33 15.18
CA ILE A 310 -33.67 -26.03 15.51
C ILE A 310 -34.49 -27.30 15.69
N PRO A 311 -34.39 -28.33 14.85
CA PRO A 311 -35.02 -29.61 15.21
C PRO A 311 -34.47 -30.23 16.48
N SER A 312 -33.17 -30.04 16.76
CA SER A 312 -32.61 -30.59 17.98
C SER A 312 -33.21 -29.93 19.22
N VAL A 313 -33.37 -28.60 19.19
CA VAL A 313 -34.01 -27.86 20.27
C VAL A 313 -34.96 -26.83 19.69
N GLY A 314 -36.25 -27.12 19.70
CA GLY A 314 -37.23 -26.22 19.11
C GLY A 314 -38.28 -26.92 18.27
N TRP A 315 -38.31 -26.61 16.97
CA TRP A 315 -39.32 -27.15 16.05
C TRP A 315 -39.25 -28.66 15.96
N ASN A 316 -40.26 -29.36 16.46
CA ASN A 316 -40.30 -30.81 16.43
C ASN A 316 -41.74 -31.26 16.35
N CYS A 317 -41.94 -32.49 15.87
CA CYS A 317 -43.24 -33.12 15.87
C CYS A 317 -43.45 -34.04 17.07
N ILE A 318 -42.47 -34.10 17.98
CA ILE A 318 -42.65 -34.83 19.22
C ILE A 318 -43.73 -34.17 20.08
N CYS A 319 -43.71 -32.84 20.16
CA CYS A 319 -44.74 -32.13 20.91
C CYS A 319 -46.09 -32.21 20.21
N ASP A 320 -46.11 -32.08 18.89
CA ASP A 320 -47.34 -32.14 18.09
C ASP A 320 -47.25 -33.38 17.21
N ILE A 321 -47.72 -34.51 17.73
CA ILE A 321 -47.65 -35.78 17.01
C ILE A 321 -48.54 -35.76 15.78
N GLU A 322 -49.63 -35.00 15.81
CA GLU A 322 -50.63 -35.01 14.74
C GLU A 322 -50.07 -34.59 13.39
N ASN A 323 -48.93 -33.89 13.36
CA ASN A 323 -48.26 -33.52 12.11
C ASN A 323 -46.80 -33.98 12.19
N CYS A 324 -46.58 -35.24 11.84
CA CYS A 324 -45.25 -35.83 11.79
C CYS A 324 -44.97 -36.30 10.37
N SER A 325 -43.83 -35.92 9.82
CA SER A 325 -43.46 -36.36 8.48
C SER A 325 -43.16 -37.86 8.47
N ASN A 326 -43.70 -38.55 7.48
CA ASN A 326 -43.44 -39.99 7.38
C ASN A 326 -42.03 -40.30 6.92
N MET A 327 -41.35 -39.34 6.29
CA MET A 327 -39.98 -39.56 5.84
C MET A 327 -39.00 -39.41 6.99
N ALA A 328 -39.12 -38.32 7.75
CA ALA A 328 -38.36 -38.13 8.99
C ALA A 328 -39.34 -38.16 10.15
N PRO A 329 -39.43 -39.25 10.90
CA PRO A 329 -40.52 -39.40 11.88
C PRO A 329 -40.42 -38.45 13.06
N LEU A 330 -39.26 -37.87 13.33
CA LEU A 330 -39.09 -36.95 14.45
C LEU A 330 -38.94 -35.50 14.00
N TYR A 331 -39.32 -35.20 12.76
CA TYR A 331 -39.25 -33.84 12.21
C TYR A 331 -40.64 -33.38 11.84
N SER A 332 -40.99 -32.15 12.24
CA SER A 332 -42.31 -31.61 11.95
C SER A 332 -42.46 -31.32 10.47
N ASP A 333 -43.68 -31.51 9.96
CA ASP A 333 -43.96 -31.25 8.56
C ASP A 333 -43.81 -29.76 8.22
N SER A 334 -44.06 -28.89 9.19
CA SER A 334 -43.86 -27.46 8.97
C SER A 334 -42.38 -27.14 8.76
N TYR A 335 -41.50 -27.81 9.49
CA TYR A 335 -40.06 -27.60 9.31
C TYR A 335 -39.61 -28.07 7.92
N LEU A 336 -40.12 -29.22 7.48
CA LEU A 336 -39.76 -29.72 6.15
C LEU A 336 -40.28 -28.83 5.04
N VAL A 337 -41.43 -28.18 5.26
CA VAL A 337 -41.93 -27.20 4.30
C VAL A 337 -41.01 -25.99 4.27
N PHE A 338 -40.62 -25.50 5.45
CA PHE A 338 -39.74 -24.33 5.53
C PHE A 338 -38.36 -24.63 4.97
N TRP A 339 -37.83 -25.82 5.25
CA TRP A 339 -36.51 -26.18 4.79
C TRP A 339 -36.48 -26.41 3.28
N ALA A 340 -37.54 -26.97 2.72
CA ALA A 340 -37.63 -27.09 1.27
C ALA A 340 -37.86 -25.75 0.60
N ILE A 341 -38.58 -24.84 1.26
CA ILE A 341 -38.74 -23.49 0.74
C ILE A 341 -37.40 -22.76 0.73
N PHE A 342 -36.57 -23.01 1.74
CA PHE A 342 -35.27 -22.36 1.84
C PHE A 342 -34.37 -22.72 0.65
N ASN A 343 -34.36 -23.99 0.26
CA ASN A 343 -33.58 -24.38 -0.91
C ASN A 343 -34.25 -23.96 -2.21
N LEU A 344 -35.58 -23.87 -2.21
CA LEU A 344 -36.25 -23.24 -3.35
C LEU A 344 -35.91 -21.76 -3.43
N VAL A 345 -35.81 -21.10 -2.27
CA VAL A 345 -35.39 -19.70 -2.23
C VAL A 345 -33.96 -19.56 -2.72
N THR A 346 -33.07 -20.45 -2.27
CA THR A 346 -31.66 -20.37 -2.65
C THR A 346 -31.48 -20.60 -4.15
N PHE A 347 -32.10 -21.65 -4.69
CA PHE A 347 -31.91 -21.97 -6.10
C PHE A 347 -32.54 -20.93 -7.01
N VAL A 348 -33.66 -20.33 -6.60
CA VAL A 348 -34.25 -19.25 -7.39
C VAL A 348 -33.32 -18.05 -7.42
N VAL A 349 -32.72 -17.72 -6.28
CA VAL A 349 -31.72 -16.65 -6.24
C VAL A 349 -30.49 -17.05 -7.04
N MET A 350 -30.13 -18.34 -7.02
CA MET A 350 -29.03 -18.83 -7.84
C MET A 350 -29.28 -18.57 -9.32
N VAL A 351 -30.48 -18.90 -9.79
CA VAL A 351 -30.82 -18.68 -11.19
C VAL A 351 -30.85 -17.19 -11.51
N VAL A 352 -31.44 -16.39 -10.62
CA VAL A 352 -31.51 -14.95 -10.84
C VAL A 352 -30.11 -14.34 -10.87
N LEU A 353 -29.25 -14.74 -9.93
CA LEU A 353 -27.91 -14.15 -9.87
C LEU A 353 -27.01 -14.69 -10.98
N TYR A 354 -27.28 -15.90 -11.48
CA TYR A 354 -26.48 -16.43 -12.58
C TYR A 354 -27.06 -16.10 -13.94
N ALA A 355 -28.27 -15.55 -14.01
CA ALA A 355 -28.79 -15.03 -15.27
C ALA A 355 -28.54 -13.53 -15.40
N HIS A 356 -28.42 -12.82 -14.28
CA HIS A 356 -28.00 -11.43 -14.36
C HIS A 356 -26.51 -11.32 -14.65
N ILE A 357 -25.71 -12.28 -14.20
CA ILE A 357 -24.30 -12.32 -14.58
C ILE A 357 -24.17 -12.58 -16.07
N PHE A 358 -24.88 -13.59 -16.58
CA PHE A 358 -24.81 -13.89 -18.00
C PHE A 358 -25.42 -12.77 -18.84
N GLY A 359 -26.55 -12.21 -18.40
CA GLY A 359 -27.17 -11.12 -19.13
C GLY A 359 -26.33 -9.86 -19.16
N TYR A 360 -25.56 -9.61 -18.10
CA TYR A 360 -24.66 -8.47 -18.08
C TYR A 360 -23.44 -8.71 -18.95
N VAL A 361 -22.88 -9.92 -18.91
CA VAL A 361 -21.70 -10.22 -19.72
C VAL A 361 -22.08 -10.30 -21.20
N ARG A 362 -23.22 -10.93 -21.50
CA ARG A 362 -23.63 -11.07 -22.91
C ARG A 362 -23.88 -9.71 -23.55
N GLN A 363 -24.61 -8.83 -22.85
CA GLN A 363 -24.93 -7.52 -23.41
C GLN A 363 -23.68 -6.66 -23.57
N ARG A 364 -22.76 -6.73 -22.60
CA ARG A 364 -21.64 -5.81 -22.58
C ARG A 364 -20.49 -6.29 -23.47
N THR A 365 -20.29 -7.60 -23.59
CA THR A 365 -19.22 -8.11 -24.42
C THR A 365 -19.64 -8.40 -25.86
N MET A 366 -20.93 -8.29 -26.18
CA MET A 366 -21.35 -8.37 -27.57
C MET A 366 -21.16 -7.05 -28.31
N ARG A 367 -20.94 -5.96 -27.59
CA ARG A 367 -20.60 -4.69 -28.25
C ARG A 367 -19.24 -4.76 -28.90
N MET A 368 -18.32 -5.55 -28.34
CA MET A 368 -16.96 -5.67 -28.86
C MET A 368 -16.73 -6.97 -29.63
N SER A 369 -17.81 -7.63 -30.07
CA SER A 369 -17.63 -8.87 -30.82
C SER A 369 -17.19 -8.61 -32.25
N ARG A 370 -17.62 -7.48 -32.83
CA ARG A 370 -17.34 -7.19 -34.23
C ARG A 370 -16.66 -5.84 -34.40
N HIS A 371 -15.63 -5.57 -33.61
CA HIS A 371 -14.93 -4.29 -33.69
C HIS A 371 -14.13 -4.18 -34.99
N ASP A 380 -16.89 -15.77 -27.90
CA ASP A 380 -16.33 -17.04 -27.46
C ASP A 380 -16.40 -17.15 -25.95
N THR A 381 -16.69 -16.05 -25.29
CA THR A 381 -16.87 -16.01 -23.84
C THR A 381 -18.31 -16.29 -23.43
N MET A 382 -19.17 -16.66 -24.37
CA MET A 382 -20.54 -17.08 -24.08
C MET A 382 -20.62 -18.59 -23.82
N MET A 383 -20.15 -19.40 -24.78
CA MET A 383 -20.19 -20.84 -24.60
C MET A 383 -19.25 -21.33 -23.50
N SER A 384 -18.30 -20.50 -23.08
CA SER A 384 -17.48 -20.80 -21.93
C SER A 384 -18.08 -20.27 -20.62
N LEU A 385 -19.14 -19.48 -20.71
CA LEU A 385 -19.85 -18.97 -19.54
C LEU A 385 -21.25 -19.56 -19.40
N LEU A 386 -21.96 -19.76 -20.52
CA LEU A 386 -23.25 -20.44 -20.46
C LEU A 386 -23.08 -21.88 -19.99
N LYS A 387 -22.01 -22.55 -20.44
CA LYS A 387 -21.71 -23.88 -19.95
C LYS A 387 -21.42 -23.86 -18.45
N THR A 388 -20.68 -22.85 -17.99
CA THR A 388 -20.39 -22.73 -16.57
C THR A 388 -21.65 -22.45 -15.75
N VAL A 389 -22.51 -21.55 -16.26
CA VAL A 389 -23.75 -21.23 -15.55
C VAL A 389 -24.67 -22.44 -15.51
N VAL A 390 -24.77 -23.17 -16.62
CA VAL A 390 -25.67 -24.32 -16.68
C VAL A 390 -25.21 -25.42 -15.74
N ILE A 391 -23.90 -25.68 -15.69
CA ILE A 391 -23.38 -26.76 -14.84
C ILE A 391 -23.63 -26.44 -13.37
N VAL A 392 -23.33 -25.22 -12.94
CA VAL A 392 -23.55 -24.83 -11.55
C VAL A 392 -25.03 -24.60 -11.23
N LEU A 393 -25.89 -24.58 -12.24
CA LEU A 393 -27.33 -24.54 -12.02
C LEU A 393 -28.02 -25.87 -12.33
N GLY A 394 -27.41 -26.70 -13.18
CA GLY A 394 -27.96 -28.02 -13.43
C GLY A 394 -27.59 -29.03 -12.36
N ALA A 395 -26.47 -28.82 -11.68
CA ALA A 395 -26.12 -29.69 -10.57
C ALA A 395 -27.11 -29.55 -9.42
N PHE A 396 -27.53 -28.33 -9.13
CA PHE A 396 -28.51 -28.09 -8.08
C PHE A 396 -29.93 -28.44 -8.50
N ILE A 397 -30.16 -28.72 -9.79
CA ILE A 397 -31.50 -29.07 -10.25
C ILE A 397 -31.66 -30.56 -10.54
N ILE A 398 -30.56 -31.31 -10.69
CA ILE A 398 -30.65 -32.76 -10.85
C ILE A 398 -30.25 -33.50 -9.57
N CYS A 399 -29.51 -32.85 -8.67
CA CYS A 399 -29.06 -33.49 -7.44
C CYS A 399 -29.65 -32.84 -6.20
N TRP A 400 -30.60 -31.92 -6.34
CA TRP A 400 -31.28 -31.38 -5.17
C TRP A 400 -32.79 -31.28 -5.33
N THR A 401 -33.31 -31.24 -6.56
CA THR A 401 -34.76 -31.20 -6.79
C THR A 401 -35.43 -32.55 -6.59
N PRO A 402 -34.81 -33.70 -6.95
CA PRO A 402 -35.37 -34.97 -6.47
C PRO A 402 -35.45 -35.05 -4.96
N GLY A 403 -34.45 -34.51 -4.25
CA GLY A 403 -34.56 -34.43 -2.80
C GLY A 403 -35.64 -33.46 -2.36
N LEU A 404 -35.77 -32.33 -3.04
CA LEU A 404 -36.75 -31.33 -2.65
C LEU A 404 -38.17 -31.74 -3.02
N VAL A 405 -38.32 -32.56 -4.07
CA VAL A 405 -39.68 -32.99 -4.44
C VAL A 405 -40.21 -33.99 -3.43
N LEU A 406 -39.33 -34.72 -2.73
CA LEU A 406 -39.78 -35.60 -1.67
C LEU A 406 -40.22 -34.82 -0.45
N LEU A 407 -39.55 -33.70 -0.15
CA LEU A 407 -39.94 -32.86 0.98
C LEU A 407 -41.31 -32.22 0.77
N LEU A 408 -41.78 -32.13 -0.47
CA LEU A 408 -43.13 -31.68 -0.74
C LEU A 408 -44.09 -32.81 -1.11
N LEU A 409 -43.58 -34.00 -1.41
CA LEU A 409 -44.46 -35.14 -1.63
C LEU A 409 -45.05 -35.66 -0.33
N ASP A 410 -44.36 -35.45 0.79
CA ASP A 410 -44.84 -35.88 2.10
C ASP A 410 -45.74 -34.84 2.76
N VAL A 411 -46.01 -33.73 2.09
CA VAL A 411 -46.83 -32.65 2.64
C VAL A 411 -48.02 -32.45 1.71
N CYS A 412 -49.22 -32.36 2.29
CA CYS A 412 -50.48 -32.20 1.55
C CYS A 412 -50.69 -33.35 0.57
N CYS A 413 -50.30 -34.56 0.99
CA CYS A 413 -50.45 -35.77 0.19
C CYS A 413 -50.46 -36.96 1.12
N PRO A 414 -51.63 -37.42 1.56
CA PRO A 414 -51.69 -38.58 2.46
C PRO A 414 -51.43 -39.88 1.72
N GLN A 415 -50.59 -40.72 2.33
CA GLN A 415 -50.15 -41.99 1.75
C GLN A 415 -49.59 -41.79 0.34
N CYS A 416 -48.51 -41.00 0.29
CA CYS A 416 -47.99 -40.47 -0.96
C CYS A 416 -46.63 -41.11 -1.23
N ASP A 417 -46.51 -41.73 -2.40
CA ASP A 417 -45.29 -42.41 -2.86
C ASP A 417 -44.89 -43.48 -1.84
N VAL A 418 -43.60 -43.78 -1.73
CA VAL A 418 -43.09 -44.76 -0.78
C VAL A 418 -41.87 -44.16 -0.09
N LEU A 419 -41.37 -44.90 0.90
CA LEU A 419 -40.19 -44.50 1.66
C LEU A 419 -38.90 -45.10 1.08
N ALA A 420 -38.99 -45.89 0.02
CA ALA A 420 -37.80 -46.40 -0.64
C ALA A 420 -37.09 -45.34 -1.47
N TYR A 421 -37.76 -44.23 -1.77
CA TYR A 421 -37.13 -43.15 -2.52
C TYR A 421 -36.08 -42.43 -1.66
N GLU A 422 -36.37 -42.26 -0.37
CA GLU A 422 -35.56 -41.37 0.46
C GLU A 422 -34.13 -41.89 0.66
N LYS A 423 -33.94 -43.23 0.65
CA LYS A 423 -32.60 -43.75 0.82
C LYS A 423 -31.75 -43.51 -0.43
N PHE A 424 -32.35 -43.66 -1.61
CA PHE A 424 -31.62 -43.38 -2.84
C PHE A 424 -31.49 -41.88 -3.10
N PHE A 425 -32.52 -41.11 -2.77
CA PHE A 425 -32.50 -39.68 -3.04
C PHE A 425 -31.56 -38.93 -2.11
N LEU A 426 -31.41 -39.39 -0.87
CA LEU A 426 -30.43 -38.81 0.03
C LEU A 426 -29.01 -38.97 -0.51
N LEU A 427 -28.76 -40.05 -1.24
CA LEU A 427 -27.46 -40.25 -1.85
C LEU A 427 -27.17 -39.19 -2.91
N LEU A 428 -28.16 -38.91 -3.77
CA LEU A 428 -27.97 -37.89 -4.78
C LEU A 428 -28.14 -36.48 -4.21
N ALA A 429 -28.97 -36.31 -3.18
CA ALA A 429 -29.06 -35.01 -2.51
C ALA A 429 -27.77 -34.63 -1.84
N GLU A 430 -26.91 -35.61 -1.54
CA GLU A 430 -25.57 -35.35 -1.04
C GLU A 430 -24.49 -35.64 -2.07
N PHE A 431 -24.84 -36.20 -3.23
CA PHE A 431 -23.91 -36.26 -4.35
C PHE A 431 -23.60 -34.87 -4.89
N ASN A 432 -24.48 -33.90 -4.66
CA ASN A 432 -24.15 -32.51 -4.96
C ASN A 432 -22.95 -32.05 -4.14
N SER A 433 -22.87 -32.48 -2.89
CA SER A 433 -21.70 -32.18 -2.07
C SER A 433 -20.44 -32.89 -2.57
N ALA A 434 -20.58 -33.91 -3.40
CA ALA A 434 -19.44 -34.59 -4.00
C ALA A 434 -18.97 -33.90 -5.28
N MET A 435 -19.90 -33.42 -6.09
CA MET A 435 -19.55 -32.72 -7.32
C MET A 435 -19.29 -31.23 -7.10
N ASN A 436 -19.58 -30.71 -5.91
CA ASN A 436 -19.25 -29.32 -5.61
C ASN A 436 -17.76 -29.01 -5.69
N PRO A 437 -16.84 -29.84 -5.16
CA PRO A 437 -15.42 -29.58 -5.42
C PRO A 437 -15.01 -29.78 -6.86
N ILE A 438 -15.86 -30.38 -7.67
CA ILE A 438 -15.55 -30.60 -9.09
C ILE A 438 -16.09 -29.43 -9.90
N ILE A 439 -17.40 -29.18 -9.82
CA ILE A 439 -18.03 -28.16 -10.67
C ILE A 439 -17.67 -26.75 -10.25
N TYR A 440 -16.95 -26.57 -9.15
CA TYR A 440 -16.47 -25.25 -8.74
C TYR A 440 -14.95 -25.12 -8.79
N SER A 441 -14.23 -26.21 -9.02
CA SER A 441 -12.77 -26.18 -9.00
C SER A 441 -12.20 -27.00 -10.16
N TYR A 442 -12.80 -26.86 -11.35
CA TYR A 442 -12.28 -27.52 -12.54
C TYR A 442 -11.93 -26.56 -13.66
N ARG A 443 -12.57 -25.39 -13.74
CA ARG A 443 -12.19 -24.41 -14.75
C ARG A 443 -10.84 -23.77 -14.45
N ASP A 444 -10.50 -23.64 -13.17
CA ASP A 444 -9.24 -23.03 -12.78
C ASP A 444 -8.09 -23.94 -13.18
N LYS A 445 -7.36 -23.55 -14.23
CA LYS A 445 -6.22 -24.34 -14.67
C LYS A 445 -5.10 -24.31 -13.64
N GLU A 446 -4.98 -23.22 -12.88
CA GLU A 446 -4.00 -23.18 -11.81
C GLU A 446 -4.34 -24.17 -10.71
N MET A 447 -5.62 -24.28 -10.34
CA MET A 447 -6.02 -25.20 -9.29
C MET A 447 -6.05 -26.65 -9.76
N SER A 448 -6.39 -26.88 -11.03
CA SER A 448 -6.32 -28.22 -11.59
C SER A 448 -4.87 -28.72 -11.62
N ALA A 449 -3.94 -27.85 -11.99
CA ALA A 449 -2.52 -28.23 -11.94
C ALA A 449 -2.02 -28.33 -10.52
N THR A 450 -2.61 -27.58 -9.59
CA THR A 450 -2.26 -27.72 -8.19
C THR A 450 -2.63 -29.10 -7.66
N PHE A 451 -3.78 -29.62 -8.08
CA PHE A 451 -4.14 -30.99 -7.74
C PHE A 451 -3.17 -31.99 -8.37
N ARG A 452 -2.75 -31.72 -9.61
CA ARG A 452 -1.81 -32.62 -10.29
C ARG A 452 -0.45 -32.64 -9.61
N GLN A 453 -0.02 -31.49 -9.07
CA GLN A 453 1.26 -31.45 -8.39
C GLN A 453 1.24 -32.24 -7.08
N ILE A 454 0.10 -32.31 -6.42
CA ILE A 454 -0.02 -33.08 -5.18
C ILE A 454 0.14 -34.56 -5.46
N LEU A 455 -0.54 -35.06 -6.49
CA LEU A 455 -0.41 -36.47 -6.86
C LEU A 455 0.82 -36.75 -7.70
N CYS A 456 1.49 -35.73 -8.22
CA CYS A 456 2.68 -35.93 -9.01
C CYS A 456 2.39 -36.45 -10.41
N CYS B 3 -2.68 -0.23 28.96
CA CYS B 3 -2.48 0.49 27.69
C CYS B 3 -1.05 0.96 27.55
N THR B 4 -0.53 1.57 28.62
CA THR B 4 0.83 2.14 28.65
C THR B 4 1.04 3.14 27.52
N LEU B 5 0.00 3.93 27.24
CA LEU B 5 0.05 4.97 26.23
C LEU B 5 -0.11 6.33 26.90
N SER B 6 0.77 7.26 26.56
CA SER B 6 0.70 8.60 27.13
C SER B 6 -0.49 9.35 26.57
N ALA B 7 -0.75 10.53 27.16
CA ALA B 7 -1.82 11.38 26.66
C ALA B 7 -1.51 11.96 25.30
N GLU B 8 -0.24 11.94 24.88
CA GLU B 8 0.16 12.38 23.56
C GLU B 8 0.40 11.23 22.60
N ASP B 9 0.85 10.08 23.10
CA ASP B 9 0.94 8.90 22.26
C ASP B 9 -0.45 8.35 21.92
N LYS B 10 -1.43 8.61 22.78
CA LYS B 10 -2.81 8.25 22.47
C LYS B 10 -3.34 9.09 21.31
N ALA B 11 -3.01 10.38 21.29
CA ALA B 11 -3.47 11.26 20.22
C ALA B 11 -2.59 11.17 18.99
N ALA B 12 -1.34 10.75 19.13
CA ALA B 12 -0.53 10.46 17.95
C ALA B 12 -1.04 9.22 17.24
N VAL B 13 -1.53 8.24 17.99
CA VAL B 13 -2.16 7.06 17.39
C VAL B 13 -3.49 7.45 16.75
N GLU B 14 -4.23 8.36 17.40
CA GLU B 14 -5.48 8.85 16.82
C GLU B 14 -5.23 9.58 15.51
N ARG B 15 -4.13 10.34 15.43
CA ARG B 15 -3.76 10.98 14.17
C ARG B 15 -3.45 9.95 13.10
N SER B 16 -2.73 8.89 13.46
CA SER B 16 -2.44 7.82 12.50
C SER B 16 -3.73 7.12 12.06
N LYS B 17 -4.64 6.87 13.00
CA LYS B 17 -5.92 6.23 12.65
C LYS B 17 -6.74 7.12 11.74
N MET B 18 -6.71 8.42 11.96
CA MET B 18 -7.49 9.35 11.14
C MET B 18 -6.86 9.60 9.78
N ILE B 19 -5.54 9.44 9.66
CA ILE B 19 -4.92 9.52 8.35
C ILE B 19 -5.31 8.32 7.50
N ASP B 20 -5.38 7.13 8.11
CA ASP B 20 -5.79 5.94 7.40
C ASP B 20 -7.18 6.08 6.81
N ARG B 21 -8.09 6.74 7.55
CA ARG B 21 -9.41 7.02 7.01
C ARG B 21 -9.34 7.94 5.80
N ASN B 22 -8.37 8.85 5.78
CA ASN B 22 -8.19 9.72 4.61
C ASN B 22 -7.50 9.00 3.47
N LEU B 23 -6.58 8.07 3.77
CA LEU B 23 -5.91 7.32 2.72
C LEU B 23 -6.80 6.25 2.12
N ARG B 24 -7.62 5.60 2.96
CA ARG B 24 -8.60 4.65 2.43
C ARG B 24 -9.61 5.35 1.54
N GLU B 25 -10.06 6.55 1.95
CA GLU B 25 -10.96 7.32 1.11
C GLU B 25 -10.27 7.79 -0.16
N ASP B 26 -8.97 8.08 -0.08
CA ASP B 26 -8.23 8.50 -1.27
C ASP B 26 -7.93 7.31 -2.18
N GLY B 27 -7.68 6.13 -1.59
CA GLY B 27 -7.42 4.95 -2.40
C GLY B 27 -8.66 4.32 -2.97
N GLU B 28 -9.81 4.49 -2.31
CA GLU B 28 -11.06 4.01 -2.87
C GLU B 28 -11.51 4.89 -4.02
N LYS B 29 -11.20 6.19 -3.96
CA LYS B 29 -11.50 7.07 -5.08
C LYS B 29 -10.53 6.83 -6.23
N ALA B 30 -9.26 6.56 -5.93
CA ALA B 30 -8.27 6.33 -6.97
C ALA B 30 -8.42 4.96 -7.62
N ALA B 31 -9.13 4.03 -6.99
CA ALA B 31 -9.34 2.71 -7.58
C ALA B 31 -10.46 2.70 -8.61
N ARG B 32 -11.31 3.72 -8.61
CA ARG B 32 -12.36 3.83 -9.61
C ARG B 32 -11.96 4.66 -10.82
N GLU B 33 -10.72 5.16 -10.84
CA GLU B 33 -10.20 5.87 -12.01
C GLU B 33 -9.50 4.87 -12.91
N VAL B 34 -9.98 4.77 -14.15
CA VAL B 34 -9.42 3.82 -15.11
C VAL B 34 -8.13 4.39 -15.68
N LYS B 35 -7.03 3.65 -15.51
CA LYS B 35 -5.73 4.08 -15.98
C LYS B 35 -5.48 3.52 -17.37
N LEU B 36 -5.24 4.40 -18.34
CA LEU B 36 -4.96 4.01 -19.72
C LEU B 36 -3.61 4.60 -20.11
N LEU B 37 -2.75 3.76 -20.67
CA LEU B 37 -1.42 4.19 -21.10
C LEU B 37 -1.47 4.50 -22.58
N LEU B 38 -1.48 5.79 -22.92
CA LEU B 38 -1.46 6.21 -24.31
C LEU B 38 -0.06 6.09 -24.86
N LEU B 39 0.08 5.45 -26.02
CA LEU B 39 1.37 5.26 -26.67
C LEU B 39 1.18 5.45 -28.17
N GLY B 40 2.20 5.04 -28.93
CA GLY B 40 2.22 5.23 -30.36
C GLY B 40 3.35 6.14 -30.79
N ALA B 41 3.65 6.08 -32.08
CA ALA B 41 4.72 6.90 -32.64
C ALA B 41 4.35 8.37 -32.60
N GLY B 42 5.37 9.22 -32.56
CA GLY B 42 5.13 10.65 -32.58
C GLY B 42 4.63 11.12 -33.93
N GLU B 43 3.84 12.19 -33.89
CA GLU B 43 3.21 12.77 -35.10
C GLU B 43 2.41 11.73 -35.87
N SER B 44 1.70 10.87 -35.13
CA SER B 44 0.90 9.81 -35.70
C SER B 44 -0.55 9.91 -35.24
N GLY B 45 -1.08 11.14 -35.22
CA GLY B 45 -2.45 11.34 -34.81
C GLY B 45 -2.73 11.08 -33.34
N LYS B 46 -1.69 11.07 -32.50
CA LYS B 46 -1.90 10.81 -31.08
C LYS B 46 -2.71 11.94 -30.43
N SER B 47 -2.39 13.19 -30.75
CA SER B 47 -3.11 14.32 -30.18
C SER B 47 -4.56 14.38 -30.65
N THR B 48 -4.88 13.76 -31.80
CA THR B 48 -6.24 13.75 -32.31
C THR B 48 -7.19 13.00 -31.37
N ILE B 49 -6.76 11.87 -30.81
CA ILE B 49 -7.61 11.03 -29.98
C ILE B 49 -7.61 11.52 -28.54
N VAL B 50 -6.98 12.68 -28.30
CA VAL B 50 -7.05 13.32 -26.99
C VAL B 50 -7.84 14.62 -27.03
N LYS B 51 -7.90 15.30 -28.18
CA LYS B 51 -8.50 16.62 -28.26
C LYS B 51 -10.01 16.62 -28.13
N GLN B 52 -10.66 15.45 -28.17
CA GLN B 52 -12.12 15.41 -28.08
C GLN B 52 -12.62 15.74 -26.68
N MET B 53 -11.80 15.49 -25.65
CA MET B 53 -12.22 15.73 -24.28
C MET B 53 -10.98 15.98 -23.43
N LYS B 54 -10.96 17.13 -22.77
CA LYS B 54 -9.86 17.53 -21.88
C LYS B 54 -8.51 17.52 -22.58
N THR B 182 8.48 18.98 -19.33
CA THR B 182 7.21 18.34 -19.06
C THR B 182 7.29 16.85 -19.34
N GLY B 183 6.81 16.04 -18.40
CA GLY B 183 6.86 14.59 -18.53
C GLY B 183 5.55 14.00 -18.99
N ILE B 184 4.81 13.40 -18.05
CA ILE B 184 3.52 12.80 -18.38
C ILE B 184 2.48 13.89 -18.53
N VAL B 185 1.76 13.86 -19.64
CA VAL B 185 0.59 14.71 -19.84
C VAL B 185 -0.61 13.84 -19.49
N GLU B 186 -0.97 13.83 -18.21
CA GLU B 186 -2.09 13.03 -17.74
C GLU B 186 -3.40 13.69 -18.14
N THR B 187 -4.29 12.92 -18.78
CA THR B 187 -5.58 13.42 -19.24
C THR B 187 -6.68 12.65 -18.55
N HIS B 188 -7.63 13.37 -17.96
CA HIS B 188 -8.78 12.78 -17.28
C HIS B 188 -10.04 13.15 -18.04
N PHE B 189 -10.82 12.15 -18.43
CA PHE B 189 -12.07 12.38 -19.12
C PHE B 189 -13.13 11.43 -18.60
N THR B 190 -14.34 11.95 -18.40
CA THR B 190 -15.45 11.19 -17.87
C THR B 190 -16.37 10.75 -19.00
N PHE B 191 -16.73 9.48 -19.02
CA PHE B 191 -17.61 8.95 -20.06
C PHE B 191 -18.51 7.88 -19.46
N LYS B 192 -19.82 8.13 -19.46
CA LYS B 192 -20.83 7.17 -19.00
C LYS B 192 -20.56 6.70 -17.57
N ASP B 193 -20.32 7.68 -16.68
CA ASP B 193 -20.11 7.45 -15.25
C ASP B 193 -18.94 6.51 -14.98
N LEU B 194 -17.90 6.60 -15.81
CA LEU B 194 -16.67 5.83 -15.62
C LEU B 194 -15.51 6.79 -15.77
N HIS B 195 -14.88 7.17 -14.65
CA HIS B 195 -13.81 8.16 -14.68
C HIS B 195 -12.55 7.55 -15.27
N PHE B 196 -12.14 8.06 -16.43
CA PHE B 196 -10.92 7.60 -17.06
C PHE B 196 -9.75 8.50 -16.68
N LYS B 197 -8.55 8.02 -16.97
CA LYS B 197 -7.33 8.77 -16.70
C LYS B 197 -6.25 8.25 -17.63
N MET B 198 -5.88 9.05 -18.62
CA MET B 198 -4.99 8.60 -19.70
C MET B 198 -3.66 9.32 -19.57
N PHE B 199 -2.57 8.58 -19.74
CA PHE B 199 -1.22 9.08 -19.55
C PHE B 199 -0.51 9.20 -20.91
N ASP B 200 -0.49 10.40 -21.46
CA ASP B 200 0.28 10.68 -22.67
C ASP B 200 1.74 10.71 -22.28
N VAL B 201 2.41 9.57 -22.43
CA VAL B 201 3.77 9.39 -21.93
C VAL B 201 4.83 9.53 -23.02
N GLY B 202 4.43 9.84 -24.25
CA GLY B 202 5.37 9.90 -25.36
C GLY B 202 6.37 11.04 -25.30
N ALA B 203 6.23 11.95 -24.35
CA ALA B 203 7.15 13.07 -24.20
C ALA B 203 8.33 12.75 -23.29
N GLN B 204 8.43 11.53 -22.78
CA GLN B 204 9.53 11.18 -21.89
C GLN B 204 10.86 11.14 -22.65
N ARG B 205 10.88 10.46 -23.81
CA ARG B 205 12.07 10.35 -24.66
C ARG B 205 13.26 9.74 -23.93
N SER B 206 12.99 8.85 -22.98
CA SER B 206 14.03 8.17 -22.21
C SER B 206 13.98 6.67 -22.51
N GLU B 207 14.84 5.92 -21.82
CA GLU B 207 14.81 4.47 -21.92
C GLU B 207 13.54 3.96 -21.28
N ARG B 208 12.60 3.48 -22.11
CA ARG B 208 11.29 3.10 -21.61
C ARG B 208 11.34 1.87 -20.71
N LYS B 209 12.42 1.09 -20.75
CA LYS B 209 12.52 -0.09 -19.91
C LYS B 209 12.66 0.24 -18.43
N LYS B 210 12.89 1.50 -18.07
CA LYS B 210 13.11 1.89 -16.68
C LYS B 210 11.94 2.64 -16.07
N TRP B 211 10.89 2.93 -16.84
CA TRP B 211 9.73 3.58 -16.27
C TRP B 211 8.41 3.03 -16.79
N ILE B 212 8.43 2.00 -17.63
CA ILE B 212 7.18 1.42 -18.13
C ILE B 212 6.58 0.43 -17.13
N HIS B 213 7.34 0.01 -16.12
CA HIS B 213 6.79 -0.83 -15.07
C HIS B 213 5.88 -0.05 -14.12
N CYS B 214 5.94 1.28 -14.16
CA CYS B 214 5.00 2.09 -13.38
C CYS B 214 3.57 1.86 -13.83
N PHE B 215 3.38 1.52 -15.11
CA PHE B 215 2.06 1.33 -15.69
C PHE B 215 1.58 -0.11 -15.65
N GLU B 216 1.97 -0.87 -14.63
CA GLU B 216 1.26 -2.10 -14.33
C GLU B 216 -0.17 -1.79 -13.91
N GLY B 217 -1.06 -2.71 -14.25
CA GLY B 217 -2.44 -2.56 -13.82
C GLY B 217 -3.24 -1.52 -14.57
N VAL B 218 -2.71 -0.98 -15.67
CA VAL B 218 -3.53 -0.14 -16.53
C VAL B 218 -4.60 -1.01 -17.18
N ALA B 219 -5.79 -0.44 -17.36
CA ALA B 219 -6.87 -1.20 -17.97
C ALA B 219 -6.54 -1.57 -19.41
N ALA B 220 -5.99 -0.63 -20.18
CA ALA B 220 -5.64 -0.90 -21.56
C ALA B 220 -4.52 0.04 -21.98
N ILE B 221 -3.85 -0.32 -23.06
CA ILE B 221 -2.85 0.52 -23.70
C ILE B 221 -3.48 1.09 -24.96
N ILE B 222 -3.71 2.39 -24.98
CA ILE B 222 -4.33 3.01 -26.15
C ILE B 222 -3.24 3.31 -27.17
N PHE B 223 -2.94 2.33 -28.02
CA PHE B 223 -1.94 2.52 -29.05
C PHE B 223 -2.55 3.27 -30.23
N CYS B 224 -1.82 4.26 -30.73
CA CYS B 224 -2.28 5.10 -31.83
C CYS B 224 -1.29 4.97 -32.98
N VAL B 225 -1.76 4.47 -34.12
CA VAL B 225 -0.93 4.27 -35.30
C VAL B 225 -1.57 5.01 -36.47
N ALA B 226 -0.81 5.89 -37.11
CA ALA B 226 -1.31 6.61 -38.28
C ALA B 226 -1.28 5.68 -39.48
N LEU B 227 -2.44 5.51 -40.14
CA LEU B 227 -2.50 4.66 -41.31
C LEU B 227 -1.78 5.30 -42.49
N SER B 228 -1.85 6.62 -42.61
CA SER B 228 -1.22 7.31 -43.74
C SER B 228 0.30 7.24 -43.68
N ASP B 229 0.88 6.94 -42.52
CA ASP B 229 2.33 6.88 -42.37
C ASP B 229 2.87 5.50 -42.69
N TYR B 230 2.51 4.96 -43.86
CA TYR B 230 3.04 3.69 -44.32
C TYR B 230 4.21 3.84 -45.29
N ASP B 231 4.53 5.06 -45.70
CA ASP B 231 5.63 5.29 -46.63
C ASP B 231 6.54 6.45 -46.26
N LEU B 232 6.15 7.32 -45.34
CA LEU B 232 7.01 8.43 -44.92
C LEU B 232 7.94 7.99 -43.80
N MET B 240 13.45 3.87 -42.01
CA MET B 240 13.04 5.11 -42.66
C MET B 240 11.53 5.14 -42.89
N ASN B 241 10.89 4.03 -42.59
CA ASN B 241 9.44 3.90 -42.74
C ASN B 241 8.77 4.06 -41.39
N ARG B 242 7.79 4.96 -41.33
CA ARG B 242 7.08 5.20 -40.07
C ARG B 242 6.27 3.99 -39.64
N MET B 243 5.65 3.28 -40.59
CA MET B 243 4.87 2.11 -40.25
C MET B 243 5.74 1.01 -39.67
N HIS B 244 6.94 0.83 -40.22
CA HIS B 244 7.86 -0.15 -39.66
C HIS B 244 8.31 0.25 -38.26
N GLU B 245 8.55 1.55 -38.05
CA GLU B 245 8.88 2.02 -36.71
C GLU B 245 7.68 1.89 -35.77
N SER B 246 6.47 2.16 -36.28
CA SER B 246 5.27 2.01 -35.45
C SER B 246 4.97 0.54 -35.20
N MET B 247 5.20 -0.31 -36.19
CA MET B 247 5.02 -1.76 -35.99
C MET B 247 6.03 -2.31 -34.98
N LYS B 248 7.26 -1.78 -35.00
CA LYS B 248 8.26 -2.19 -34.01
C LYS B 248 7.86 -1.76 -32.61
N LEU B 249 7.22 -0.60 -32.48
CA LEU B 249 6.76 -0.15 -31.16
C LEU B 249 5.63 -1.04 -30.64
N PHE B 250 4.77 -1.53 -31.54
CA PHE B 250 3.72 -2.44 -31.12
C PHE B 250 4.29 -3.78 -30.66
N ASP B 251 5.35 -4.25 -31.31
CA ASP B 251 6.04 -5.44 -30.84
C ASP B 251 6.64 -5.26 -29.46
N SER B 252 7.23 -4.08 -29.21
CA SER B 252 7.91 -3.85 -27.94
C SER B 252 6.95 -3.69 -26.77
N ILE B 253 5.68 -3.38 -27.03
CA ILE B 253 4.73 -3.15 -25.96
C ILE B 253 3.65 -4.24 -25.87
N CYS B 254 3.40 -4.98 -26.94
CA CYS B 254 2.50 -6.13 -26.82
C CYS B 254 3.19 -7.33 -26.20
N ASN B 255 4.49 -7.49 -26.43
CA ASN B 255 5.27 -8.60 -25.90
C ASN B 255 6.02 -8.23 -24.63
N ASN B 256 5.77 -7.06 -24.07
CA ASN B 256 6.44 -6.64 -22.85
C ASN B 256 6.00 -7.53 -21.69
N LYS B 257 6.93 -7.75 -20.74
CA LYS B 257 6.61 -8.59 -19.60
C LYS B 257 5.63 -7.91 -18.65
N TRP B 258 5.68 -6.59 -18.55
CA TRP B 258 4.78 -5.88 -17.65
C TRP B 258 3.36 -5.84 -18.20
N PHE B 259 3.22 -5.91 -19.52
CA PHE B 259 1.92 -5.86 -20.19
C PHE B 259 1.55 -7.21 -20.80
N THR B 260 1.91 -8.29 -20.10
CA THR B 260 1.61 -9.63 -20.58
C THR B 260 0.14 -10.00 -20.41
N ASP B 261 -0.63 -9.25 -19.62
CA ASP B 261 -2.02 -9.61 -19.35
C ASP B 261 -2.94 -8.40 -19.37
N THR B 262 -2.57 -7.35 -20.10
CA THR B 262 -3.44 -6.20 -20.27
C THR B 262 -3.70 -5.97 -21.76
N SER B 263 -4.90 -5.52 -22.06
CA SER B 263 -5.33 -5.36 -23.44
C SER B 263 -4.68 -4.13 -24.07
N ILE B 264 -4.80 -4.04 -25.40
CA ILE B 264 -4.29 -2.92 -26.16
C ILE B 264 -5.42 -2.40 -27.03
N ILE B 265 -5.67 -1.09 -26.97
CA ILE B 265 -6.67 -0.45 -27.82
C ILE B 265 -5.90 0.20 -28.96
N LEU B 266 -5.74 -0.53 -30.06
CA LEU B 266 -5.02 -0.01 -31.21
C LEU B 266 -5.91 0.94 -31.99
N PHE B 267 -5.42 2.15 -32.25
CA PHE B 267 -6.17 3.17 -32.97
C PHE B 267 -5.47 3.42 -34.30
N LEU B 268 -5.98 2.80 -35.36
CA LEU B 268 -5.50 3.06 -36.71
C LEU B 268 -6.26 4.28 -37.23
N ASN B 269 -5.70 5.45 -37.01
CA ASN B 269 -6.38 6.70 -37.32
C ASN B 269 -5.85 7.30 -38.62
N LYS B 270 -6.36 8.49 -38.94
CA LYS B 270 -6.02 9.22 -40.16
C LYS B 270 -6.26 8.38 -41.41
N LYS B 271 -7.44 7.74 -41.46
CA LYS B 271 -7.84 7.03 -42.67
C LYS B 271 -8.12 8.00 -43.81
N ASP B 272 -8.53 9.23 -43.49
CA ASP B 272 -8.82 10.21 -44.54
C ASP B 272 -7.58 10.50 -45.37
N LEU B 273 -6.44 10.70 -44.72
CA LEU B 273 -5.18 10.82 -45.47
C LEU B 273 -4.76 9.47 -46.05
N PHE B 274 -5.11 8.37 -45.38
CA PHE B 274 -4.79 7.04 -45.89
C PHE B 274 -5.57 6.74 -47.17
N GLU B 275 -6.83 7.21 -47.24
CA GLU B 275 -7.63 7.00 -48.44
C GLU B 275 -7.03 7.73 -49.64
N GLU B 276 -6.67 9.00 -49.47
CA GLU B 276 -6.08 9.76 -50.56
C GLU B 276 -4.69 9.28 -50.92
N LYS B 277 -3.93 8.75 -49.95
CA LYS B 277 -2.60 8.26 -50.24
C LYS B 277 -2.61 6.92 -50.96
N ILE B 278 -3.61 6.07 -50.67
CA ILE B 278 -3.71 4.78 -51.36
C ILE B 278 -4.11 4.98 -52.81
N LYS B 279 -5.10 5.84 -53.07
CA LYS B 279 -5.54 6.08 -54.43
C LYS B 279 -4.45 6.76 -55.26
N LYS B 280 -3.74 7.72 -54.67
CA LYS B 280 -2.68 8.40 -55.41
C LYS B 280 -1.45 7.51 -55.56
N SER B 281 -1.08 6.77 -54.52
CA SER B 281 0.11 5.94 -54.51
C SER B 281 -0.25 4.53 -54.09
N PRO B 282 -0.02 3.51 -54.92
CA PRO B 282 -0.34 2.14 -54.52
C PRO B 282 0.59 1.66 -53.41
N LEU B 283 0.09 0.67 -52.67
CA LEU B 283 0.88 0.09 -51.57
C LEU B 283 2.07 -0.70 -52.08
N THR B 284 2.08 -1.08 -53.36
CA THR B 284 3.19 -1.83 -53.92
C THR B 284 4.43 -0.96 -54.14
N ILE B 285 4.31 0.36 -54.03
CA ILE B 285 5.47 1.24 -54.18
C ILE B 285 6.35 1.22 -52.94
N CYS B 286 5.86 0.72 -51.81
CA CYS B 286 6.64 0.68 -50.58
C CYS B 286 6.59 -0.71 -49.96
N TYR B 287 5.52 -1.46 -50.21
CA TYR B 287 5.31 -2.78 -49.64
C TYR B 287 5.08 -3.77 -50.79
N GLN B 288 6.10 -4.59 -51.07
CA GLN B 288 5.99 -5.60 -52.11
C GLN B 288 5.47 -6.94 -51.59
N GLU B 289 5.28 -7.08 -50.27
CA GLU B 289 4.78 -8.32 -49.69
C GLU B 289 3.26 -8.38 -49.68
N TYR B 290 2.56 -7.32 -50.08
CA TYR B 290 1.11 -7.32 -50.09
C TYR B 290 0.59 -8.06 -51.31
N ALA B 291 -0.46 -8.86 -51.10
CA ALA B 291 -1.09 -9.62 -52.17
C ALA B 291 -2.36 -8.97 -52.71
N GLY B 292 -3.11 -8.25 -51.87
CA GLY B 292 -4.31 -7.61 -52.32
C GLY B 292 -4.05 -6.36 -53.15
N SER B 293 -5.12 -5.84 -53.74
CA SER B 293 -5.03 -4.67 -54.60
C SER B 293 -4.99 -3.40 -53.76
N ASN B 294 -4.89 -2.26 -54.43
CA ASN B 294 -4.81 -0.96 -53.77
C ASN B 294 -6.20 -0.35 -53.56
N THR B 295 -7.10 -1.11 -52.95
CA THR B 295 -8.42 -0.62 -52.59
C THR B 295 -8.34 0.04 -51.22
N TYR B 296 -9.49 0.33 -50.61
CA TYR B 296 -9.52 0.91 -49.28
C TYR B 296 -9.87 -0.11 -48.20
N GLU B 297 -11.00 -0.82 -48.36
CA GLU B 297 -11.48 -1.71 -47.32
C GLU B 297 -10.51 -2.86 -47.07
N GLU B 298 -9.99 -3.47 -48.14
CA GLU B 298 -9.07 -4.58 -47.97
C GLU B 298 -7.67 -4.12 -47.58
N ALA B 299 -7.28 -2.89 -47.95
CA ALA B 299 -5.97 -2.40 -47.55
C ALA B 299 -5.95 -1.99 -46.08
N ALA B 300 -7.00 -1.31 -45.62
CA ALA B 300 -7.08 -0.93 -44.22
C ALA B 300 -7.19 -2.15 -43.31
N ALA B 301 -8.00 -3.13 -43.70
CA ALA B 301 -8.13 -4.36 -42.92
C ALA B 301 -6.86 -5.19 -42.95
N TYR B 302 -6.02 -5.02 -43.97
CA TYR B 302 -4.74 -5.71 -43.99
C TYR B 302 -3.82 -5.20 -42.89
N ILE B 303 -3.78 -3.89 -42.68
CA ILE B 303 -2.97 -3.32 -41.61
C ILE B 303 -3.53 -3.72 -40.24
N GLN B 304 -4.85 -3.84 -40.14
CA GLN B 304 -5.47 -4.34 -38.92
C GLN B 304 -4.99 -5.75 -38.59
N CYS B 305 -5.01 -6.65 -39.59
CA CYS B 305 -4.56 -8.01 -39.36
C CYS B 305 -3.05 -8.12 -39.26
N GLN B 306 -2.31 -7.17 -39.83
CA GLN B 306 -0.85 -7.15 -39.69
C GLN B 306 -0.41 -6.50 -38.39
N PHE B 307 -1.32 -5.95 -37.61
CA PHE B 307 -0.98 -5.37 -36.33
C PHE B 307 -1.47 -6.18 -35.13
N GLU B 308 -2.52 -6.98 -35.29
CA GLU B 308 -2.89 -7.95 -34.27
C GLU B 308 -2.23 -9.29 -34.49
N ASP B 309 -1.14 -9.33 -35.25
CA ASP B 309 -0.42 -10.57 -35.53
C ASP B 309 0.90 -10.65 -34.78
N LEU B 310 1.33 -9.57 -34.11
CA LEU B 310 2.56 -9.56 -33.35
C LEU B 310 2.35 -9.87 -31.88
N ASN B 311 1.12 -10.16 -31.47
CA ASN B 311 0.84 -10.51 -30.09
C ASN B 311 1.33 -11.93 -29.83
N LYS B 312 2.42 -12.06 -29.07
CA LYS B 312 2.92 -13.38 -28.72
C LYS B 312 1.98 -14.12 -27.77
N ARG B 313 1.04 -13.41 -27.14
CA ARG B 313 0.02 -14.00 -26.29
C ARG B 313 -1.33 -13.65 -26.91
N LYS B 314 -1.82 -14.52 -27.80
CA LYS B 314 -3.07 -14.25 -28.50
C LYS B 314 -4.30 -14.42 -27.60
N ASP B 315 -4.15 -15.09 -26.46
CA ASP B 315 -5.27 -15.36 -25.57
C ASP B 315 -5.21 -14.62 -24.25
N THR B 316 -4.01 -14.32 -23.74
CA THR B 316 -3.90 -13.59 -22.49
C THR B 316 -4.40 -12.15 -22.63
N LYS B 317 -4.12 -11.52 -23.76
CA LYS B 317 -4.55 -10.15 -24.02
C LYS B 317 -5.19 -10.08 -25.40
N GLU B 318 -6.04 -9.08 -25.59
CA GLU B 318 -6.74 -8.89 -26.85
C GLU B 318 -6.51 -7.47 -27.35
N ILE B 319 -6.12 -7.34 -28.61
CA ILE B 319 -5.98 -6.03 -29.23
C ILE B 319 -7.33 -5.62 -29.80
N TYR B 320 -7.90 -4.55 -29.27
CA TYR B 320 -9.19 -4.04 -29.73
C TYR B 320 -8.93 -2.90 -30.71
N THR B 321 -9.06 -3.19 -31.99
CA THR B 321 -8.59 -2.32 -33.06
C THR B 321 -9.75 -1.46 -33.56
N HIS B 322 -9.53 -0.16 -33.65
CA HIS B 322 -10.54 0.77 -34.13
C HIS B 322 -10.00 1.58 -35.29
N PHE B 323 -10.92 2.06 -36.13
CA PHE B 323 -10.61 2.91 -37.27
C PHE B 323 -11.27 4.26 -37.06
N THR B 324 -10.48 5.33 -37.09
CA THR B 324 -10.97 6.66 -36.77
C THR B 324 -10.36 7.69 -37.70
N CYS B 325 -11.02 8.84 -37.79
CA CYS B 325 -10.49 9.98 -38.53
C CYS B 325 -10.59 11.24 -37.69
N SER B 326 -10.21 12.39 -38.26
CA SER B 326 -10.32 13.65 -37.53
C SER B 326 -11.77 14.00 -37.23
N THR B 327 -12.66 13.78 -38.20
CA THR B 327 -14.08 14.06 -38.03
C THR B 327 -14.78 12.79 -37.53
N ASP B 328 -14.41 12.39 -36.32
CA ASP B 328 -14.98 11.20 -35.70
C ASP B 328 -15.25 11.48 -34.23
N THR B 329 -16.28 10.80 -33.70
CA THR B 329 -16.69 10.96 -32.32
C THR B 329 -16.76 9.63 -31.56
N LYS B 330 -16.86 8.51 -32.27
CA LYS B 330 -17.02 7.21 -31.64
C LYS B 330 -15.74 6.66 -31.04
N ASN B 331 -14.61 7.36 -31.20
CA ASN B 331 -13.35 6.87 -30.63
C ASN B 331 -13.40 6.83 -29.11
N VAL B 332 -13.98 7.84 -28.48
CA VAL B 332 -14.10 7.83 -27.03
C VAL B 332 -15.09 6.76 -26.58
N GLN B 333 -16.12 6.49 -27.39
CA GLN B 333 -17.04 5.39 -27.09
C GLN B 333 -16.34 4.04 -27.20
N PHE B 334 -15.43 3.91 -28.18
CA PHE B 334 -14.70 2.64 -28.34
C PHE B 334 -13.79 2.37 -27.14
N VAL B 335 -13.16 3.41 -26.59
CA VAL B 335 -12.32 3.22 -25.41
C VAL B 335 -13.16 2.77 -24.22
N PHE B 336 -14.32 3.40 -24.02
CA PHE B 336 -15.20 3.00 -22.93
C PHE B 336 -15.76 1.60 -23.16
N ASP B 337 -16.09 1.27 -24.40
CA ASP B 337 -16.64 -0.06 -24.69
C ASP B 337 -15.58 -1.14 -24.59
N ALA B 338 -14.32 -0.81 -24.88
CA ALA B 338 -13.27 -1.81 -24.82
C ALA B 338 -12.89 -2.13 -23.37
N VAL B 339 -12.77 -1.11 -22.53
CA VAL B 339 -12.35 -1.33 -21.15
C VAL B 339 -13.44 -2.04 -20.35
N THR B 340 -14.71 -1.87 -20.75
CA THR B 340 -15.77 -2.64 -20.14
C THR B 340 -15.59 -4.12 -20.42
N ASP B 341 -15.18 -4.46 -21.64
CA ASP B 341 -14.79 -5.84 -21.93
C ASP B 341 -13.53 -6.25 -21.19
N VAL B 342 -12.61 -5.31 -20.94
CA VAL B 342 -11.42 -5.62 -20.16
C VAL B 342 -11.78 -5.84 -18.71
N ILE B 343 -12.64 -4.98 -18.16
CA ILE B 343 -13.03 -5.08 -16.75
C ILE B 343 -13.77 -6.39 -16.51
N ILE B 344 -14.72 -6.73 -17.39
CA ILE B 344 -15.54 -7.92 -17.19
C ILE B 344 -14.70 -9.18 -17.34
N LYS B 345 -13.87 -9.25 -18.39
CA LYS B 345 -13.01 -10.41 -18.56
C LYS B 345 -11.98 -10.54 -17.45
N ASN B 346 -11.68 -9.44 -16.74
CA ASN B 346 -10.94 -9.54 -15.50
C ASN B 346 -11.86 -9.89 -14.33
N ASN B 347 -13.08 -9.35 -14.33
CA ASN B 347 -14.04 -9.68 -13.28
C ASN B 347 -14.45 -11.14 -13.33
N LEU B 348 -14.66 -11.68 -14.53
CA LEU B 348 -14.96 -13.10 -14.66
C LEU B 348 -13.79 -13.96 -14.23
N LYS B 349 -12.56 -13.52 -14.54
CA LYS B 349 -11.38 -14.23 -14.08
C LYS B 349 -11.19 -14.13 -12.58
N ASP B 350 -11.77 -13.11 -11.94
CA ASP B 350 -11.65 -12.97 -10.50
C ASP B 350 -12.37 -14.09 -9.78
N CYS B 351 -13.67 -14.21 -10.00
CA CYS B 351 -14.47 -15.25 -9.35
C CYS B 351 -14.60 -16.51 -10.19
N GLY B 352 -13.45 -17.02 -10.67
CA GLY B 352 -13.34 -18.29 -11.37
C GLY B 352 -14.39 -18.61 -12.42
N LEU B 353 -15.00 -17.59 -13.02
CA LEU B 353 -16.15 -17.79 -13.89
C LEU B 353 -15.79 -17.98 -15.35
N PHE B 354 -14.60 -17.56 -15.76
CA PHE B 354 -14.20 -17.61 -17.17
C PHE B 354 -12.69 -17.47 -17.32
N GLU C 19 41.54 15.83 -36.40
CA GLU C 19 40.22 15.68 -37.00
C GLU C 19 39.34 14.75 -36.18
N LEU C 20 38.29 14.21 -36.81
CA LEU C 20 37.38 13.31 -36.10
C LEU C 20 38.03 11.98 -35.80
N ASP C 21 38.94 11.50 -36.67
CA ASP C 21 39.60 10.23 -36.46
C ASP C 21 40.50 10.25 -35.23
N GLN C 22 41.19 11.37 -35.00
CA GLN C 22 42.08 11.47 -33.85
C GLN C 22 41.28 11.50 -32.54
N LEU C 23 40.13 12.17 -32.54
CA LEU C 23 39.34 12.29 -31.32
C LEU C 23 38.78 10.94 -30.88
N ARG C 24 38.29 10.13 -31.81
CA ARG C 24 37.87 8.78 -31.47
C ARG C 24 39.05 7.93 -31.02
N GLN C 25 40.21 8.09 -31.67
CA GLN C 25 41.40 7.39 -31.24
C GLN C 25 41.88 7.87 -29.88
N GLU C 26 41.79 9.17 -29.62
CA GLU C 26 42.20 9.71 -28.33
C GLU C 26 41.32 9.19 -27.21
N ALA C 27 40.00 9.12 -27.44
CA ALA C 27 39.10 8.56 -26.44
C ALA C 27 39.37 7.08 -26.22
N GLU C 28 39.67 6.36 -27.31
CA GLU C 28 39.98 4.93 -27.18
C GLU C 28 41.29 4.71 -26.44
N GLN C 29 42.32 5.52 -26.74
CA GLN C 29 43.60 5.34 -26.07
C GLN C 29 43.57 5.84 -24.64
N LEU C 30 42.73 6.83 -24.34
CA LEU C 30 42.61 7.30 -22.97
C LEU C 30 41.89 6.28 -22.09
N LYS C 31 40.85 5.64 -22.63
CA LYS C 31 40.18 4.57 -21.91
C LYS C 31 41.12 3.39 -21.69
N ASN C 32 41.97 3.09 -22.68
CA ASN C 32 43.00 2.08 -22.49
C ASN C 32 44.04 2.55 -21.48
N GLN C 33 44.37 3.85 -21.50
CA GLN C 33 45.30 4.38 -20.52
C GLN C 33 44.71 4.36 -19.11
N ILE C 34 43.41 4.59 -18.98
CA ILE C 34 42.75 4.47 -17.69
C ILE C 34 42.78 3.02 -17.22
N ARG C 35 42.46 2.08 -18.11
CA ARG C 35 42.46 0.67 -17.73
C ARG C 35 43.86 0.15 -17.45
N ASP C 36 44.87 0.67 -18.16
CA ASP C 36 46.25 0.25 -17.90
C ASP C 36 46.69 0.63 -16.50
N ALA C 37 46.37 1.84 -16.05
CA ALA C 37 46.68 2.25 -14.69
C ALA C 37 45.75 1.60 -13.68
N ARG C 38 44.52 1.27 -14.09
CA ARG C 38 43.56 0.66 -13.18
C ARG C 38 43.99 -0.75 -12.79
N LYS C 39 44.36 -1.58 -13.77
CA LYS C 39 44.77 -2.93 -13.48
C LYS C 39 46.13 -2.99 -12.80
N ALA C 40 46.97 -1.97 -12.95
CA ALA C 40 48.25 -1.94 -12.27
C ALA C 40 48.10 -1.74 -10.77
N CYS C 41 47.10 -0.97 -10.36
CA CYS C 41 46.85 -0.73 -8.94
C CYS C 41 46.14 -1.88 -8.26
N ALA C 42 45.67 -2.88 -9.01
CA ALA C 42 44.97 -4.03 -8.43
C ALA C 42 45.99 -4.97 -7.80
N ASP C 43 46.53 -4.53 -6.66
CA ASP C 43 47.51 -5.32 -5.94
C ASP C 43 46.89 -6.59 -5.37
N ALA C 44 45.68 -6.49 -4.84
CA ALA C 44 44.99 -7.62 -4.25
C ALA C 44 43.51 -7.31 -4.15
N THR C 45 42.68 -8.26 -4.58
CA THR C 45 41.23 -8.08 -4.47
C THR C 45 40.80 -8.10 -3.01
N LEU C 46 39.73 -7.35 -2.72
CA LEU C 46 39.21 -7.29 -1.36
C LEU C 46 38.67 -8.63 -0.90
N SER C 47 38.09 -9.42 -1.80
CA SER C 47 37.60 -10.74 -1.42
C SER C 47 38.74 -11.65 -0.99
N GLN C 48 39.88 -11.59 -1.68
CA GLN C 48 41.03 -12.38 -1.28
C GLN C 48 41.69 -11.80 -0.03
N ILE C 49 41.68 -10.47 0.12
CA ILE C 49 42.27 -9.84 1.30
C ILE C 49 41.48 -10.21 2.55
N THR C 50 40.15 -10.18 2.47
CA THR C 50 39.30 -10.55 3.60
C THR C 50 39.25 -12.07 3.71
N ASN C 51 40.37 -12.62 4.19
CA ASN C 51 40.49 -14.04 4.45
C ASN C 51 40.96 -14.23 5.89
N ASN C 52 40.68 -15.42 6.43
CA ASN C 52 40.95 -15.74 7.83
C ASN C 52 40.26 -14.74 8.77
N ILE C 53 39.07 -14.30 8.38
CA ILE C 53 38.25 -13.42 9.19
C ILE C 53 36.99 -14.17 9.59
N ASP C 54 36.38 -13.73 10.67
CA ASP C 54 35.15 -14.37 11.13
C ASP C 54 34.00 -13.95 10.25
N PRO C 55 33.32 -14.88 9.58
CA PRO C 55 32.15 -14.50 8.76
C PRO C 55 31.00 -14.07 9.65
N VAL C 56 30.11 -13.27 9.04
CA VAL C 56 28.94 -12.80 9.76
C VAL C 56 28.02 -13.98 10.11
N GLY C 57 27.86 -14.90 9.16
CA GLY C 57 27.03 -16.07 9.36
C GLY C 57 25.58 -15.82 9.02
N ARG C 58 24.83 -16.91 8.91
CA ARG C 58 23.40 -16.83 8.60
C ARG C 58 22.69 -16.22 9.80
N ILE C 59 22.29 -14.96 9.66
CA ILE C 59 21.61 -14.23 10.73
C ILE C 59 20.21 -13.87 10.24
N GLN C 60 19.20 -14.22 11.03
CA GLN C 60 17.82 -13.92 10.70
C GLN C 60 17.43 -12.58 11.32
N MET C 61 16.92 -11.68 10.48
CA MET C 61 16.47 -10.36 10.91
C MET C 61 14.96 -10.32 10.68
N ARG C 62 14.21 -10.78 11.66
CA ARG C 62 12.76 -10.83 11.55
C ARG C 62 12.16 -9.44 11.54
N THR C 63 11.01 -9.32 10.90
CA THR C 63 10.31 -8.04 10.86
C THR C 63 9.77 -7.69 12.24
N ARG C 64 9.92 -6.42 12.62
CA ARG C 64 9.43 -5.93 13.89
C ARG C 64 8.13 -5.14 13.74
N ARG C 65 8.10 -4.19 12.82
CA ARG C 65 6.91 -3.41 12.53
C ARG C 65 6.61 -3.49 11.04
N THR C 66 5.32 -3.62 10.72
CA THR C 66 4.86 -3.63 9.33
C THR C 66 4.01 -2.39 9.12
N LEU C 67 4.48 -1.48 8.27
CA LEU C 67 3.75 -0.26 7.96
C LEU C 67 2.78 -0.57 6.82
N ARG C 68 1.49 -0.41 7.09
CA ARG C 68 0.43 -0.97 6.26
C ARG C 68 -0.55 0.13 5.82
N GLY C 69 -0.03 1.23 5.31
CA GLY C 69 -0.87 2.32 4.90
C GLY C 69 -0.96 2.54 3.40
N HIS C 70 0.09 2.19 2.68
CA HIS C 70 0.11 2.41 1.24
C HIS C 70 -0.83 1.45 0.53
N LEU C 71 -1.38 1.93 -0.60
CA LEU C 71 -2.32 1.13 -1.40
C LEU C 71 -1.85 0.98 -2.84
N ALA C 72 -0.56 1.19 -3.10
CA ALA C 72 -0.01 1.04 -4.43
C ALA C 72 1.47 0.74 -4.32
N LYS C 73 2.10 0.50 -5.47
CA LYS C 73 3.51 0.10 -5.51
C LYS C 73 4.42 1.17 -4.93
N ILE C 74 5.10 0.85 -3.84
CA ILE C 74 6.05 1.77 -3.23
C ILE C 74 7.33 1.75 -4.03
N TYR C 75 7.82 2.93 -4.42
CA TYR C 75 9.06 3.06 -5.18
C TYR C 75 10.22 3.65 -4.40
N ALA C 76 9.98 4.30 -3.27
CA ALA C 76 11.09 4.87 -2.53
C ALA C 76 10.74 5.00 -1.05
N MET C 77 11.79 4.94 -0.23
CA MET C 77 11.67 5.26 1.19
C MET C 77 12.96 5.94 1.62
N HIS C 78 12.88 6.69 2.72
CA HIS C 78 14.06 7.30 3.29
C HIS C 78 13.88 7.47 4.80
N TRP C 79 14.96 7.28 5.53
CA TRP C 79 14.97 7.45 6.97
C TRP C 79 15.35 8.88 7.35
N GLY C 80 14.71 9.39 8.40
CA GLY C 80 15.19 10.61 9.01
C GLY C 80 16.50 10.37 9.75
N THR C 81 17.24 11.46 9.96
CA THR C 81 18.50 11.34 10.67
C THR C 81 18.31 11.02 12.14
N ASP C 82 17.10 11.19 12.68
CA ASP C 82 16.78 10.71 14.02
C ASP C 82 16.66 9.19 14.08
N SER C 83 16.68 8.52 12.92
CA SER C 83 16.63 7.07 12.77
C SER C 83 15.32 6.47 13.25
N ARG C 84 14.31 7.29 13.48
CA ARG C 84 12.97 6.84 13.87
C ARG C 84 11.91 7.26 12.87
N LEU C 85 11.99 8.50 12.36
CA LEU C 85 11.06 8.96 11.35
C LEU C 85 11.39 8.36 10.00
N LEU C 86 10.36 8.10 9.21
CA LEU C 86 10.49 7.46 7.91
C LEU C 86 9.57 8.16 6.94
N VAL C 87 9.97 8.21 5.67
CA VAL C 87 9.13 8.73 4.60
C VAL C 87 9.11 7.71 3.48
N SER C 88 8.01 7.68 2.74
CA SER C 88 7.87 6.70 1.67
C SER C 88 6.91 7.23 0.62
N ALA C 89 7.18 6.88 -0.64
CA ALA C 89 6.39 7.34 -1.78
C ALA C 89 5.90 6.14 -2.57
N SER C 90 4.65 6.21 -3.02
CA SER C 90 4.08 5.15 -3.84
C SER C 90 3.22 5.82 -4.91
N GLN C 91 2.52 5.00 -5.70
CA GLN C 91 1.75 5.48 -6.84
C GLN C 91 0.28 5.73 -6.51
N ASP C 92 -0.10 5.68 -5.24
CA ASP C 92 -1.42 6.15 -4.85
C ASP C 92 -1.46 7.65 -4.62
N GLY C 93 -0.44 8.37 -5.06
CA GLY C 93 -0.35 9.79 -4.84
C GLY C 93 -0.19 10.18 -3.38
N LYS C 94 0.62 9.43 -2.64
CA LYS C 94 0.78 9.66 -1.21
C LYS C 94 2.26 9.61 -0.84
N LEU C 95 2.66 10.53 0.04
CA LEU C 95 4.00 10.59 0.60
C LEU C 95 3.83 10.42 2.11
N ILE C 96 3.78 9.17 2.56
CA ILE C 96 3.45 8.86 3.94
C ILE C 96 4.71 9.02 4.79
N ILE C 97 4.58 9.71 5.92
CA ILE C 97 5.66 9.83 6.90
C ILE C 97 5.34 8.92 8.07
N TRP C 98 6.23 7.98 8.34
CA TRP C 98 6.00 6.95 9.34
C TRP C 98 6.75 7.25 10.63
N ASP C 99 6.11 6.98 11.75
CA ASP C 99 6.81 6.82 13.02
C ASP C 99 7.09 5.33 13.15
N SER C 100 8.31 4.93 12.76
CA SER C 100 8.63 3.51 12.67
C SER C 100 8.63 2.80 14.02
N TYR C 101 8.79 3.54 15.12
CA TYR C 101 8.80 2.92 16.43
C TYR C 101 7.41 2.41 16.80
N THR C 102 6.37 3.20 16.52
CA THR C 102 5.02 2.88 16.94
C THR C 102 4.07 2.58 15.78
N THR C 103 4.58 2.53 14.54
CA THR C 103 3.77 2.35 13.33
C THR C 103 2.66 3.41 13.28
N ASN C 104 3.09 4.67 13.29
CA ASN C 104 2.18 5.80 13.30
C ASN C 104 2.44 6.67 12.07
N LYS C 105 1.36 7.20 11.52
CA LYS C 105 1.45 8.09 10.36
C LYS C 105 1.62 9.51 10.86
N VAL C 106 2.85 10.02 10.80
CA VAL C 106 3.10 11.41 11.17
C VAL C 106 2.49 12.35 10.14
N HIS C 107 2.65 12.04 8.86
CA HIS C 107 2.11 12.86 7.78
C HIS C 107 1.72 11.97 6.63
N ALA C 108 0.83 12.49 5.78
CA ALA C 108 0.49 11.86 4.51
C ALA C 108 0.26 12.99 3.52
N ILE C 109 1.12 13.08 2.51
CA ILE C 109 1.18 14.23 1.62
C ILE C 109 0.59 13.83 0.27
N PRO C 110 -0.52 14.42 -0.16
CA PRO C 110 -1.08 14.10 -1.48
C PRO C 110 -0.29 14.75 -2.59
N LEU C 111 0.47 13.95 -3.32
CA LEU C 111 1.24 14.47 -4.45
C LEU C 111 0.32 14.78 -5.62
N ARG C 112 0.61 15.88 -6.32
CA ARG C 112 -0.18 16.25 -7.49
C ARG C 112 0.08 15.28 -8.64
N SER C 113 1.30 14.79 -8.75
CA SER C 113 1.66 13.78 -9.76
C SER C 113 1.96 12.49 -9.01
N SER C 114 1.06 11.50 -9.16
CA SER C 114 1.24 10.21 -8.50
C SER C 114 2.39 9.41 -9.10
N TRP C 115 2.93 9.82 -10.24
CA TRP C 115 4.01 9.11 -10.90
C TRP C 115 5.34 9.60 -10.33
N VAL C 116 5.68 9.07 -9.16
CA VAL C 116 6.94 9.36 -8.50
C VAL C 116 7.75 8.08 -8.39
N MET C 117 9.06 8.20 -8.61
CA MET C 117 9.98 7.08 -8.50
C MET C 117 11.02 7.30 -7.43
N THR C 118 10.93 8.39 -6.67
CA THR C 118 11.90 8.67 -5.62
C THR C 118 11.28 9.52 -4.53
N CYS C 119 11.94 9.52 -3.38
CA CYS C 119 11.61 10.37 -2.25
C CYS C 119 12.85 10.53 -1.40
N ALA C 120 12.88 11.60 -0.62
CA ALA C 120 14.05 11.89 0.20
C ALA C 120 13.64 12.60 1.48
N TYR C 121 14.45 12.42 2.51
CA TYR C 121 14.27 13.09 3.79
C TYR C 121 15.48 14.00 4.03
N ALA C 122 15.20 15.25 4.40
CA ALA C 122 16.28 16.19 4.66
C ALA C 122 17.08 15.74 5.90
N PRO C 123 18.39 16.00 5.90
CA PRO C 123 19.17 15.67 7.11
C PRO C 123 18.71 16.41 8.34
N SER C 124 18.22 17.64 8.18
CA SER C 124 17.64 18.37 9.30
C SER C 124 16.30 17.78 9.72
N GLY C 125 15.51 17.33 8.75
CA GLY C 125 14.20 16.75 9.02
C GLY C 125 13.03 17.66 8.74
N ASN C 126 13.28 18.93 8.41
CA ASN C 126 12.19 19.85 8.11
C ASN C 126 11.60 19.65 6.73
N TYR C 127 12.33 19.05 5.80
CA TYR C 127 11.92 19.00 4.41
C TYR C 127 11.90 17.56 3.90
N VAL C 128 11.03 17.32 2.93
CA VAL C 128 10.91 16.02 2.27
C VAL C 128 10.71 16.25 0.78
N ALA C 129 11.48 15.54 -0.04
CA ALA C 129 11.42 15.67 -1.49
C ALA C 129 10.81 14.44 -2.12
N CYS C 130 10.34 14.61 -3.36
CA CYS C 130 9.86 13.50 -4.17
C CYS C 130 9.92 13.91 -5.63
N GLY C 131 10.14 12.93 -6.50
CA GLY C 131 10.24 13.19 -7.92
C GLY C 131 9.95 11.94 -8.71
N GLY C 132 9.61 12.13 -9.97
CA GLY C 132 9.27 11.01 -10.82
C GLY C 132 9.05 11.32 -12.28
N LEU C 133 8.01 10.73 -12.86
CA LEU C 133 7.75 10.82 -14.30
C LEU C 133 7.30 12.20 -14.74
N ASP C 134 6.98 13.09 -13.81
CA ASP C 134 6.59 14.46 -14.15
C ASP C 134 7.78 15.39 -14.27
N ASN C 135 9.01 14.87 -14.15
CA ASN C 135 10.24 15.62 -14.39
C ASN C 135 10.40 16.80 -13.44
N ILE C 136 9.77 16.73 -12.26
CA ILE C 136 9.75 17.83 -11.30
C ILE C 136 10.08 17.27 -9.93
N CYS C 137 11.06 17.88 -9.26
CA CYS C 137 11.36 17.58 -7.87
C CYS C 137 10.51 18.49 -7.00
N SER C 138 9.54 17.92 -6.28
CA SER C 138 8.71 18.68 -5.38
C SER C 138 9.29 18.60 -3.97
N ILE C 139 9.52 19.77 -3.37
CA ILE C 139 10.11 19.88 -2.04
C ILE C 139 9.01 20.29 -1.08
N TYR C 140 8.78 19.47 -0.06
CA TYR C 140 7.66 19.67 0.86
C TYR C 140 8.17 20.14 2.21
N ASN C 141 7.55 21.17 2.75
CA ASN C 141 7.90 21.71 4.05
C ASN C 141 7.07 21.02 5.12
N LEU C 142 7.73 20.25 5.98
CA LEU C 142 7.00 19.53 7.03
C LEU C 142 6.66 20.43 8.20
N LYS C 143 7.66 21.15 8.72
CA LYS C 143 7.50 21.94 9.93
C LYS C 143 7.07 23.36 9.54
N THR C 144 5.79 23.49 9.21
CA THR C 144 5.18 24.78 8.92
C THR C 144 4.36 25.25 10.11
N ARG C 145 4.13 26.56 10.16
CA ARG C 145 3.25 27.11 11.18
C ARG C 145 1.83 26.58 11.02
N GLU C 146 1.37 26.47 9.78
CA GLU C 146 0.15 25.75 9.50
C GLU C 146 0.36 24.26 9.70
N GLY C 147 -0.73 23.54 9.98
CA GLY C 147 -0.63 22.14 10.29
C GLY C 147 -0.47 21.21 9.13
N ASN C 148 -0.53 21.70 7.90
CA ASN C 148 -0.41 20.87 6.71
C ASN C 148 1.01 20.87 6.19
N VAL C 149 1.26 19.99 5.22
CA VAL C 149 2.54 19.90 4.54
C VAL C 149 2.35 20.45 3.13
N ARG C 150 3.13 21.47 2.78
CA ARG C 150 2.97 22.17 1.52
C ARG C 150 4.29 22.17 0.75
N VAL C 151 4.18 22.38 -0.56
CA VAL C 151 5.37 22.42 -1.41
C VAL C 151 6.15 23.69 -1.14
N SER C 152 7.46 23.56 -0.94
CA SER C 152 8.31 24.73 -0.83
C SER C 152 8.64 25.29 -2.21
N ARG C 153 9.33 24.51 -3.03
CA ARG C 153 9.68 24.90 -4.38
C ARG C 153 9.75 23.65 -5.24
N GLU C 154 8.96 23.62 -6.31
CA GLU C 154 9.01 22.52 -7.27
C GLU C 154 10.17 22.75 -8.23
N LEU C 155 11.11 21.80 -8.28
CA LEU C 155 12.36 21.99 -9.01
C LEU C 155 12.23 21.46 -10.44
N ALA C 156 11.48 22.21 -11.24
CA ALA C 156 11.37 21.92 -12.66
C ALA C 156 12.63 22.35 -13.40
N GLY C 157 12.92 21.66 -14.50
CA GLY C 157 14.11 21.96 -15.27
C GLY C 157 14.76 20.73 -15.87
N HIS C 158 14.28 19.55 -15.48
CA HIS C 158 14.78 18.30 -16.02
C HIS C 158 13.95 17.90 -17.24
N THR C 159 14.62 17.36 -18.26
CA THR C 159 13.95 16.91 -19.47
C THR C 159 13.85 15.38 -19.53
N GLY C 160 13.63 14.75 -18.39
CA GLY C 160 13.44 13.31 -18.32
C GLY C 160 12.82 12.96 -16.98
N TYR C 161 12.57 11.67 -16.79
CA TYR C 161 11.97 11.22 -15.55
C TYR C 161 12.94 11.39 -14.39
N LEU C 162 12.41 11.77 -13.23
CA LEU C 162 13.25 11.98 -12.05
C LEU C 162 13.38 10.64 -11.32
N SER C 163 14.60 10.09 -11.33
CA SER C 163 14.80 8.75 -10.83
C SER C 163 15.23 8.72 -9.36
N CYS C 164 16.01 9.70 -8.92
CA CYS C 164 16.42 9.75 -7.52
C CYS C 164 16.77 11.18 -7.14
N CYS C 165 16.69 11.46 -5.84
CA CYS C 165 16.99 12.77 -5.30
C CYS C 165 17.43 12.62 -3.86
N ARG C 166 18.39 13.44 -3.44
CA ARG C 166 18.95 13.36 -2.10
C ARG C 166 19.24 14.75 -1.58
N PHE C 167 18.78 15.05 -0.37
CA PHE C 167 18.94 16.37 0.22
C PHE C 167 20.38 16.56 0.68
N LEU C 168 21.04 17.60 0.18
CA LEU C 168 22.36 17.97 0.68
C LEU C 168 22.24 18.73 1.98
N ASP C 169 21.58 19.89 1.93
CA ASP C 169 21.24 20.67 3.12
C ASP C 169 19.75 20.99 3.04
N ASP C 170 19.28 21.89 3.91
CA ASP C 170 17.89 22.32 3.79
C ASP C 170 17.64 23.13 2.53
N ASN C 171 18.69 23.64 1.88
CA ASN C 171 18.56 24.47 0.70
C ASN C 171 19.18 23.89 -0.56
N GLN C 172 19.87 22.74 -0.47
CA GLN C 172 20.51 22.13 -1.63
C GLN C 172 20.08 20.68 -1.75
N ILE C 173 19.79 20.25 -2.97
CA ILE C 173 19.42 18.87 -3.26
C ILE C 173 19.86 18.57 -4.69
N VAL C 174 20.57 17.45 -4.86
CA VAL C 174 21.04 17.04 -6.18
C VAL C 174 20.15 15.90 -6.66
N THR C 175 19.62 16.03 -7.88
CA THR C 175 18.63 15.13 -8.42
C THR C 175 19.24 14.33 -9.57
N SER C 176 18.98 13.02 -9.59
CA SER C 176 19.36 12.16 -10.69
C SER C 176 18.14 11.96 -11.58
N SER C 177 18.25 12.37 -12.84
CA SER C 177 17.10 12.45 -13.73
C SER C 177 17.24 11.46 -14.89
N GLY C 178 16.17 11.37 -15.66
CA GLY C 178 16.12 10.59 -16.87
C GLY C 178 16.58 11.31 -18.12
N ASP C 179 17.04 12.55 -17.98
CA ASP C 179 17.58 13.32 -19.08
C ASP C 179 19.06 13.04 -19.31
N THR C 180 19.55 11.90 -18.81
CA THR C 180 20.95 11.48 -18.85
C THR C 180 21.87 12.40 -18.06
N THR C 181 21.32 13.30 -17.24
CA THR C 181 22.12 14.24 -16.47
C THR C 181 21.66 14.26 -15.02
N CYS C 182 22.61 14.51 -14.12
CA CYS C 182 22.31 14.88 -12.74
C CYS C 182 22.46 16.39 -12.59
N ALA C 183 21.85 16.93 -11.53
CA ALA C 183 21.89 18.37 -11.33
C ALA C 183 21.72 18.69 -9.85
N LEU C 184 22.61 19.52 -9.32
CA LEU C 184 22.45 20.05 -7.97
C LEU C 184 21.62 21.32 -8.04
N TRP C 185 20.65 21.44 -7.14
CA TRP C 185 19.67 22.52 -7.16
C TRP C 185 19.92 23.49 -6.00
N ASP C 186 19.01 24.45 -5.88
CA ASP C 186 19.01 25.40 -4.78
C ASP C 186 17.56 25.72 -4.44
N ILE C 187 17.14 25.36 -3.23
CA ILE C 187 15.74 25.49 -2.85
C ILE C 187 15.31 26.95 -2.81
N GLU C 188 16.22 27.85 -2.39
CA GLU C 188 15.88 29.26 -2.30
C GLU C 188 15.56 29.85 -3.66
N THR C 189 16.34 29.50 -4.69
CA THR C 189 16.15 30.07 -6.02
C THR C 189 15.42 29.13 -6.97
N GLY C 190 15.41 27.83 -6.71
CA GLY C 190 14.70 26.90 -7.57
C GLY C 190 15.41 26.54 -8.85
N GLN C 191 16.65 26.99 -9.04
CA GLN C 191 17.39 26.75 -10.28
C GLN C 191 18.61 25.88 -9.99
N GLN C 192 19.03 25.13 -11.01
CA GLN C 192 20.21 24.29 -10.90
C GLN C 192 21.45 25.17 -10.79
N THR C 193 22.11 25.14 -9.63
CA THR C 193 23.38 25.85 -9.50
C THR C 193 24.44 25.24 -10.42
N THR C 194 24.49 23.91 -10.50
CA THR C 194 25.33 23.23 -11.46
C THR C 194 24.57 22.05 -12.04
N THR C 195 24.94 21.68 -13.26
CA THR C 195 24.34 20.54 -13.95
C THR C 195 25.43 19.55 -14.31
N PHE C 196 25.24 18.30 -13.93
CA PHE C 196 26.24 17.25 -14.14
C PHE C 196 25.90 16.50 -15.42
N THR C 197 26.70 16.73 -16.46
CA THR C 197 26.50 16.13 -17.77
C THR C 197 27.61 15.11 -18.04
N GLY C 198 27.57 14.54 -19.24
CA GLY C 198 28.57 13.56 -19.63
C GLY C 198 28.24 12.14 -19.27
N HIS C 199 26.98 11.85 -18.94
CA HIS C 199 26.54 10.51 -18.56
C HIS C 199 25.60 10.00 -19.66
N THR C 200 26.12 9.19 -20.58
CA THR C 200 25.27 8.60 -21.60
C THR C 200 24.27 7.65 -20.97
N GLY C 201 23.03 7.67 -21.48
CA GLY C 201 21.97 6.89 -20.86
C GLY C 201 21.44 7.57 -19.61
N ASP C 202 20.18 7.35 -19.28
CA ASP C 202 19.56 8.09 -18.19
C ASP C 202 20.02 7.58 -16.84
N VAL C 203 20.22 8.52 -15.92
CA VAL C 203 20.75 8.22 -14.59
C VAL C 203 19.61 7.74 -13.70
N MET C 204 19.81 6.59 -13.04
CA MET C 204 18.72 5.95 -12.33
C MET C 204 18.77 6.11 -10.81
N SER C 205 19.93 6.42 -10.24
CA SER C 205 20.00 6.64 -8.80
C SER C 205 21.28 7.40 -8.46
N LEU C 206 21.30 7.96 -7.26
CA LEU C 206 22.47 8.65 -6.73
C LEU C 206 22.51 8.49 -5.23
N SER C 207 23.69 8.70 -4.65
CA SER C 207 23.86 8.56 -3.21
C SER C 207 24.87 9.59 -2.73
N LEU C 208 24.42 10.48 -1.83
CA LEU C 208 25.29 11.51 -1.30
C LEU C 208 26.30 10.91 -0.32
N ALA C 209 27.45 11.57 -0.21
CA ALA C 209 28.50 11.15 0.71
C ALA C 209 28.15 11.54 2.14
N PRO C 210 28.70 10.83 3.13
CA PRO C 210 28.49 11.23 4.53
C PRO C 210 28.98 12.63 4.84
N ASP C 211 30.08 13.08 4.24
CA ASP C 211 30.53 14.44 4.43
C ASP C 211 29.83 15.43 3.51
N THR C 212 28.90 14.96 2.68
CA THR C 212 28.07 15.79 1.79
C THR C 212 28.93 16.67 0.89
N ARG C 213 30.04 16.12 0.40
CA ARG C 213 30.95 16.82 -0.50
C ARG C 213 30.92 16.27 -1.92
N LEU C 214 30.89 14.95 -2.08
CA LEU C 214 30.84 14.30 -3.37
C LEU C 214 29.57 13.46 -3.45
N PHE C 215 29.26 12.99 -4.66
CA PHE C 215 28.18 12.02 -4.82
C PHE C 215 28.43 11.19 -6.06
N VAL C 216 27.98 9.95 -6.03
CA VAL C 216 28.04 9.06 -7.15
C VAL C 216 26.64 8.93 -7.76
N SER C 217 26.57 8.37 -8.97
CA SER C 217 25.31 8.26 -9.68
C SER C 217 25.40 7.10 -10.66
N GLY C 218 24.40 6.23 -10.64
CA GLY C 218 24.36 5.08 -11.53
C GLY C 218 23.35 5.31 -12.65
N ALA C 219 23.76 4.96 -13.87
CA ALA C 219 22.92 5.20 -15.04
C ALA C 219 22.70 3.93 -15.85
N CYS C 220 22.13 4.08 -17.04
CA CYS C 220 21.88 2.95 -17.92
C CYS C 220 23.03 2.65 -18.87
N ASP C 221 24.16 3.34 -18.72
CA ASP C 221 25.38 2.99 -19.44
C ASP C 221 26.16 1.94 -18.64
N ALA C 222 25.56 1.39 -17.59
CA ALA C 222 26.20 0.45 -16.68
C ALA C 222 27.43 1.05 -16.02
N SER C 223 27.46 2.38 -15.92
CA SER C 223 28.62 3.11 -15.41
C SER C 223 28.20 3.98 -14.24
N ALA C 224 28.95 3.91 -13.16
CA ALA C 224 28.75 4.75 -11.99
C ALA C 224 29.81 5.85 -11.98
N LYS C 225 29.37 7.10 -11.90
CA LYS C 225 30.25 8.25 -12.01
C LYS C 225 30.24 9.03 -10.69
N LEU C 226 31.43 9.27 -10.15
CA LEU C 226 31.59 10.12 -8.97
C LEU C 226 31.75 11.57 -9.41
N TRP C 227 31.01 12.46 -8.78
CA TRP C 227 30.98 13.87 -9.15
C TRP C 227 31.40 14.73 -7.97
N ASP C 228 32.05 15.85 -8.28
CA ASP C 228 32.29 16.90 -7.30
C ASP C 228 31.09 17.82 -7.28
N VAL C 229 30.47 17.99 -6.11
CA VAL C 229 29.23 18.76 -6.03
C VAL C 229 29.49 20.23 -6.30
N ARG C 230 30.51 20.80 -5.65
CA ARG C 230 30.80 22.22 -5.84
C ARG C 230 31.43 22.48 -7.21
N GLU C 231 32.40 21.65 -7.61
CA GLU C 231 33.09 21.88 -8.87
C GLU C 231 32.22 21.53 -10.08
N GLY C 232 31.23 20.66 -9.91
CA GLY C 232 30.38 20.27 -11.02
C GLY C 232 31.01 19.33 -12.01
N MET C 233 32.17 18.76 -11.70
CA MET C 233 32.94 17.95 -12.61
C MET C 233 32.85 16.48 -12.25
N CYS C 234 32.71 15.62 -13.25
CA CYS C 234 32.75 14.17 -13.05
C CYS C 234 34.18 13.78 -12.71
N ARG C 235 34.42 13.49 -11.43
CA ARG C 235 35.77 13.18 -10.98
C ARG C 235 36.23 11.82 -11.52
N GLN C 236 35.40 10.80 -11.37
CA GLN C 236 35.79 9.43 -11.71
C GLN C 236 34.63 8.72 -12.39
N THR C 237 34.96 7.68 -13.15
CA THR C 237 34.00 6.78 -13.78
C THR C 237 34.30 5.35 -13.38
N PHE C 238 33.25 4.62 -13.00
CA PHE C 238 33.36 3.21 -12.63
C PHE C 238 32.54 2.39 -13.60
N THR C 239 33.19 1.43 -14.25
CA THR C 239 32.53 0.53 -15.18
C THR C 239 32.74 -0.91 -14.74
N GLY C 240 31.95 -1.81 -15.31
CA GLY C 240 32.06 -3.21 -14.99
C GLY C 240 30.74 -3.93 -14.97
N HIS C 241 29.65 -3.19 -14.82
CA HIS C 241 28.33 -3.79 -14.89
C HIS C 241 27.98 -4.16 -16.33
N GLU C 242 27.22 -5.24 -16.49
CA GLU C 242 26.82 -5.69 -17.81
C GLU C 242 25.52 -5.06 -18.28
N SER C 243 24.62 -4.72 -17.35
CA SER C 243 23.35 -4.09 -17.67
C SER C 243 23.21 -2.82 -16.85
N ASP C 244 22.06 -2.17 -17.01
CA ASP C 244 21.84 -0.86 -16.42
C ASP C 244 21.78 -0.92 -14.90
N ILE C 245 22.29 0.13 -14.27
CA ILE C 245 22.33 0.24 -12.82
C ILE C 245 21.04 0.88 -12.33
N ASN C 246 20.33 0.20 -11.44
CA ASN C 246 19.09 0.73 -10.89
C ASN C 246 19.27 1.47 -9.57
N ALA C 247 20.34 1.19 -8.82
CA ALA C 247 20.50 1.79 -7.51
C ALA C 247 21.96 1.81 -7.12
N ILE C 248 22.28 2.68 -6.16
CA ILE C 248 23.65 2.89 -5.72
C ILE C 248 23.58 3.30 -4.26
N CYS C 249 24.67 3.09 -3.53
CA CYS C 249 24.71 3.48 -2.12
C CYS C 249 26.15 3.58 -1.65
N PHE C 250 26.49 4.72 -1.05
CA PHE C 250 27.81 4.92 -0.46
C PHE C 250 28.03 4.02 0.75
N PHE C 251 29.26 3.52 0.87
CA PHE C 251 29.73 2.96 2.12
C PHE C 251 29.69 4.04 3.19
N PRO C 252 29.42 3.68 4.46
CA PRO C 252 29.37 4.71 5.50
C PRO C 252 30.68 5.45 5.70
N ASN C 253 31.82 4.87 5.29
CA ASN C 253 33.08 5.59 5.33
C ASN C 253 33.08 6.72 4.32
N GLY C 254 32.37 6.56 3.20
CA GLY C 254 32.33 7.56 2.16
C GLY C 254 33.37 7.41 1.07
N ASN C 255 34.29 6.46 1.21
CA ASN C 255 35.32 6.22 0.20
C ASN C 255 35.00 5.01 -0.68
N ALA C 256 33.82 4.43 -0.54
CA ALA C 256 33.44 3.28 -1.35
C ALA C 256 31.93 3.31 -1.53
N PHE C 257 31.45 2.57 -2.53
CA PHE C 257 30.02 2.47 -2.73
C PHE C 257 29.69 1.16 -3.45
N ALA C 258 28.49 0.65 -3.20
CA ALA C 258 27.98 -0.54 -3.84
C ALA C 258 26.82 -0.19 -4.76
N THR C 259 26.74 -0.87 -5.90
CA THR C 259 25.73 -0.60 -6.91
C THR C 259 24.71 -1.71 -6.96
N GLY C 260 23.57 -1.41 -7.57
CA GLY C 260 22.56 -2.42 -7.84
C GLY C 260 22.06 -2.31 -9.27
N SER C 261 22.26 -3.35 -10.06
CA SER C 261 21.97 -3.30 -11.49
C SER C 261 21.05 -4.43 -11.89
N ASP C 262 20.46 -4.30 -13.08
CA ASP C 262 19.63 -5.33 -13.66
C ASP C 262 20.42 -6.55 -14.11
N ASP C 263 21.76 -6.45 -14.13
CA ASP C 263 22.65 -7.54 -14.49
C ASP C 263 22.71 -8.61 -13.39
N ALA C 264 21.97 -8.39 -12.28
CA ALA C 264 21.76 -9.34 -11.20
C ALA C 264 23.04 -9.58 -10.39
N THR C 265 23.80 -8.51 -10.15
CA THR C 265 24.90 -8.56 -9.21
C THR C 265 25.12 -7.17 -8.64
N CYS C 266 25.58 -7.13 -7.39
CA CYS C 266 25.97 -5.90 -6.74
C CYS C 266 27.49 -5.80 -6.75
N ARG C 267 28.00 -4.66 -7.18
CA ARG C 267 29.44 -4.46 -7.27
C ARG C 267 29.84 -3.32 -6.36
N LEU C 268 30.92 -3.54 -5.60
CA LEU C 268 31.42 -2.56 -4.64
C LEU C 268 32.61 -1.84 -5.27
N PHE C 269 32.45 -0.54 -5.49
CA PHE C 269 33.48 0.28 -6.11
C PHE C 269 34.15 1.15 -5.06
N ASP C 270 35.48 1.15 -5.06
CA ASP C 270 36.26 1.98 -4.15
C ASP C 270 36.70 3.26 -4.87
N LEU C 271 36.54 4.40 -4.20
CA LEU C 271 36.89 5.68 -4.79
C LEU C 271 38.39 5.78 -5.03
N ARG C 272 39.20 5.42 -4.04
CA ARG C 272 40.65 5.53 -4.19
C ARG C 272 41.20 4.45 -5.11
N ALA C 273 40.71 3.22 -4.98
CA ALA C 273 41.15 2.14 -5.86
C ALA C 273 40.62 2.31 -7.28
N ASP C 274 39.53 3.07 -7.45
CA ASP C 274 38.99 3.44 -8.76
C ASP C 274 38.56 2.22 -9.58
N GLN C 275 38.09 1.16 -8.93
CA GLN C 275 37.67 -0.04 -9.66
C GLN C 275 36.75 -0.87 -8.78
N GLU C 276 36.41 -2.07 -9.24
CA GLU C 276 35.59 -3.00 -8.50
C GLU C 276 36.33 -3.56 -7.29
N LEU C 277 35.57 -4.04 -6.32
CA LEU C 277 36.11 -4.83 -5.22
C LEU C 277 35.54 -6.24 -5.20
N MET C 278 34.21 -6.39 -5.20
CA MET C 278 33.58 -7.69 -5.31
C MET C 278 32.35 -7.60 -6.21
N THR C 279 31.94 -8.75 -6.71
CA THR C 279 30.67 -8.90 -7.42
C THR C 279 29.77 -9.75 -6.53
N TYR C 280 28.82 -9.10 -5.84
CA TYR C 280 27.89 -9.79 -4.96
C TYR C 280 26.84 -10.50 -5.83
N SER C 281 27.28 -11.61 -6.42
CA SER C 281 26.49 -12.34 -7.40
C SER C 281 26.27 -13.76 -6.92
N HIS C 282 25.06 -14.27 -7.15
CA HIS C 282 24.73 -15.65 -6.88
C HIS C 282 24.11 -16.27 -8.12
N ASP C 283 24.50 -17.51 -8.42
CA ASP C 283 23.98 -18.18 -9.61
C ASP C 283 22.48 -18.44 -9.52
N ASN C 284 21.96 -18.62 -8.31
CA ASN C 284 20.53 -18.85 -8.12
C ASN C 284 19.70 -17.58 -8.24
N ILE C 285 20.33 -16.42 -8.39
CA ILE C 285 19.62 -15.15 -8.48
C ILE C 285 19.87 -14.57 -9.87
N ILE C 286 18.78 -14.30 -10.59
CA ILE C 286 18.86 -13.68 -11.91
C ILE C 286 18.11 -12.36 -11.98
N CYS C 287 17.32 -12.02 -10.97
CA CYS C 287 16.58 -10.77 -10.97
C CYS C 287 17.51 -9.59 -10.73
N GLY C 288 17.08 -8.42 -11.19
CA GLY C 288 17.89 -7.22 -11.07
C GLY C 288 17.62 -6.48 -9.76
N ILE C 289 18.69 -5.99 -9.15
CA ILE C 289 18.58 -5.27 -7.88
C ILE C 289 17.88 -3.95 -8.11
N THR C 290 16.88 -3.66 -7.27
CA THR C 290 16.17 -2.40 -7.36
C THR C 290 16.67 -1.36 -6.39
N SER C 291 17.18 -1.77 -5.22
CA SER C 291 17.74 -0.82 -4.27
C SER C 291 18.86 -1.47 -3.47
N VAL C 292 19.79 -0.64 -3.03
CA VAL C 292 21.00 -1.06 -2.33
C VAL C 292 21.18 -0.12 -1.14
N SER C 293 21.48 -0.69 0.02
CA SER C 293 21.71 0.13 1.21
C SER C 293 22.74 -0.53 2.11
N PHE C 294 23.70 0.27 2.56
CA PHE C 294 24.76 -0.21 3.45
C PHE C 294 24.33 -0.04 4.89
N SER C 295 24.44 -1.12 5.67
CA SER C 295 24.23 -1.00 7.11
C SER C 295 25.39 -0.23 7.74
N LYS C 296 25.15 0.28 8.95
CA LYS C 296 26.20 1.00 9.66
C LYS C 296 27.38 0.07 9.93
N SER C 297 28.59 0.67 9.87
CA SER C 297 29.89 0.01 9.88
C SER C 297 30.18 -0.67 8.56
N GLY C 298 29.19 -0.74 7.67
CA GLY C 298 29.38 -1.30 6.35
C GLY C 298 29.71 -2.77 6.31
N ARG C 299 29.52 -3.49 7.42
CA ARG C 299 29.76 -4.92 7.42
C ARG C 299 28.65 -5.69 6.74
N LEU C 300 27.44 -5.12 6.74
CA LEU C 300 26.29 -5.74 6.10
C LEU C 300 25.79 -4.83 5.00
N LEU C 301 25.51 -5.42 3.83
CA LEU C 301 24.93 -4.68 2.72
C LEU C 301 23.52 -5.21 2.51
N LEU C 302 22.55 -4.31 2.56
CA LEU C 302 21.14 -4.65 2.36
C LEU C 302 20.77 -4.32 0.91
N ALA C 303 20.57 -5.36 0.11
CA ALA C 303 20.27 -5.21 -1.32
C ALA C 303 18.84 -5.65 -1.57
N GLY C 304 18.03 -4.74 -2.13
CA GLY C 304 16.65 -5.03 -2.40
C GLY C 304 16.43 -5.61 -3.78
N TYR C 305 16.32 -6.94 -3.86
CA TYR C 305 16.27 -7.62 -5.14
C TYR C 305 14.85 -7.61 -5.71
N ASP C 306 14.73 -8.12 -6.93
CA ASP C 306 13.45 -8.17 -7.64
C ASP C 306 12.78 -9.53 -7.56
N ASP C 307 13.34 -10.47 -6.79
CA ASP C 307 12.73 -11.79 -6.63
C ASP C 307 11.91 -11.87 -5.36
N PHE C 308 11.23 -10.77 -5.02
CA PHE C 308 10.32 -10.68 -3.87
C PHE C 308 11.07 -10.84 -2.55
N ASN C 309 12.31 -10.37 -2.51
CA ASN C 309 13.20 -10.67 -1.40
C ASN C 309 14.32 -9.63 -1.36
N CYS C 310 14.88 -9.45 -0.16
CA CYS C 310 16.11 -8.69 0.02
C CYS C 310 17.18 -9.64 0.51
N ASN C 311 18.33 -9.63 -0.15
CA ASN C 311 19.47 -10.44 0.24
C ASN C 311 20.42 -9.58 1.07
N VAL C 312 20.65 -10.00 2.31
CA VAL C 312 21.58 -9.30 3.19
C VAL C 312 22.97 -9.85 2.91
N TRP C 313 23.80 -9.07 2.24
CA TRP C 313 25.12 -9.50 1.84
C TRP C 313 26.14 -9.05 2.88
N ASP C 314 26.97 -9.98 3.32
CA ASP C 314 28.13 -9.62 4.13
C ASP C 314 29.09 -8.88 3.23
N ALA C 315 29.14 -7.55 3.37
CA ALA C 315 29.78 -6.70 2.39
C ALA C 315 31.29 -6.91 2.30
N LEU C 316 31.90 -7.54 3.29
CA LEU C 316 33.33 -7.81 3.26
C LEU C 316 33.68 -9.18 2.70
N LYS C 317 32.68 -10.01 2.41
CA LYS C 317 32.91 -11.32 1.81
C LYS C 317 32.02 -11.49 0.60
N ALA C 318 32.23 -12.58 -0.13
CA ALA C 318 31.44 -12.89 -1.30
C ALA C 318 30.22 -13.73 -0.99
N ASP C 319 29.98 -14.04 0.29
CA ASP C 319 28.84 -14.85 0.71
C ASP C 319 27.69 -13.96 1.16
N ARG C 320 26.56 -14.60 1.43
CA ARG C 320 25.36 -13.92 1.87
C ARG C 320 25.16 -14.13 3.36
N ALA C 321 24.80 -13.05 4.05
CA ALA C 321 24.54 -13.12 5.49
C ALA C 321 23.11 -13.53 5.81
N GLY C 322 22.27 -13.74 4.81
CA GLY C 322 20.92 -14.21 5.02
C GLY C 322 19.91 -13.43 4.21
N VAL C 323 18.71 -13.99 4.15
CA VAL C 323 17.57 -13.34 3.50
C VAL C 323 16.63 -12.82 4.58
N LEU C 324 15.65 -12.03 4.17
CA LEU C 324 14.60 -11.62 5.09
C LEU C 324 13.23 -11.91 4.51
N ALA C 325 13.10 -11.83 3.19
CA ALA C 325 11.88 -12.20 2.44
C ALA C 325 10.71 -11.36 2.98
N GLY C 326 9.54 -11.95 3.23
CA GLY C 326 8.47 -11.22 3.85
C GLY C 326 7.74 -10.24 2.97
N HIS C 327 7.96 -10.28 1.65
CA HIS C 327 7.31 -9.37 0.73
C HIS C 327 6.63 -10.14 -0.38
N ASP C 328 5.41 -9.73 -0.71
CA ASP C 328 4.59 -10.40 -1.71
C ASP C 328 4.82 -9.87 -3.12
N ASN C 329 5.71 -8.92 -3.31
CA ASN C 329 6.04 -8.39 -4.63
C ASN C 329 7.50 -7.99 -4.62
N ARG C 330 7.94 -7.39 -5.74
CA ARG C 330 9.34 -7.00 -5.89
C ARG C 330 9.69 -5.90 -4.89
N VAL C 331 10.80 -6.09 -4.18
CA VAL C 331 11.28 -5.06 -3.25
C VAL C 331 11.87 -3.92 -4.07
N SER C 332 11.33 -2.72 -3.89
CA SER C 332 11.74 -1.57 -4.68
C SER C 332 12.57 -0.57 -3.91
N CYS C 333 12.49 -0.53 -2.59
CA CYS C 333 13.26 0.42 -1.81
C CYS C 333 13.61 -0.19 -0.46
N LEU C 334 14.84 0.07 0.00
CA LEU C 334 15.21 -0.30 1.35
C LEU C 334 16.33 0.61 1.82
N GLY C 335 16.40 0.79 3.13
CA GLY C 335 17.43 1.62 3.73
C GLY C 335 17.56 1.40 5.22
N VAL C 336 18.78 1.30 5.71
CA VAL C 336 19.00 1.16 7.14
C VAL C 336 18.86 2.52 7.82
N THR C 337 18.71 2.49 9.14
CA THR C 337 18.61 3.72 9.90
C THR C 337 19.96 4.43 9.97
N ASP C 338 19.93 5.69 10.39
CA ASP C 338 21.17 6.44 10.56
C ASP C 338 21.97 5.97 11.76
N ASP C 339 21.33 5.34 12.74
CA ASP C 339 22.03 4.73 13.86
C ASP C 339 22.22 3.23 13.69
N GLY C 340 21.79 2.67 12.56
CA GLY C 340 21.95 1.24 12.31
C GLY C 340 20.95 0.36 13.03
N MET C 341 19.95 0.94 13.68
CA MET C 341 19.04 0.15 14.52
C MET C 341 18.24 -0.84 13.68
N ALA C 342 17.72 -0.43 12.54
CA ALA C 342 16.84 -1.28 11.76
C ALA C 342 16.95 -0.93 10.29
N VAL C 343 16.40 -1.80 9.45
CA VAL C 343 16.30 -1.57 8.01
C VAL C 343 14.84 -1.74 7.61
N ALA C 344 14.31 -0.76 6.89
CA ALA C 344 12.97 -0.83 6.34
C ALA C 344 13.06 -1.18 4.86
N THR C 345 12.27 -2.15 4.42
CA THR C 345 12.30 -2.61 3.04
C THR C 345 10.90 -2.44 2.44
N GLY C 346 10.70 -1.36 1.70
CA GLY C 346 9.48 -1.22 0.95
C GLY C 346 9.47 -2.10 -0.28
N SER C 347 8.28 -2.35 -0.81
CA SER C 347 8.12 -3.21 -1.97
C SER C 347 6.88 -2.82 -2.74
N TRP C 348 6.67 -3.46 -3.88
CA TRP C 348 5.56 -3.15 -4.75
C TRP C 348 4.22 -3.67 -4.21
N ASP C 349 4.23 -4.43 -3.12
CA ASP C 349 2.99 -4.90 -2.50
C ASP C 349 2.41 -3.89 -1.52
N SER C 350 2.84 -2.63 -1.61
CA SER C 350 2.33 -1.51 -0.82
C SER C 350 2.59 -1.67 0.67
N PHE C 351 3.60 -2.47 1.05
CA PHE C 351 3.90 -2.75 2.44
C PHE C 351 5.33 -2.35 2.75
N LEU C 352 5.51 -1.72 3.91
CA LEU C 352 6.82 -1.40 4.45
C LEU C 352 7.02 -2.19 5.73
N LYS C 353 8.12 -2.93 5.81
CA LYS C 353 8.42 -3.77 6.96
C LYS C 353 9.74 -3.31 7.58
N ILE C 354 9.74 -3.10 8.88
CA ILE C 354 10.94 -2.69 9.60
C ILE C 354 11.63 -3.96 10.12
N TRP C 355 12.78 -4.28 9.53
CA TRP C 355 13.49 -5.49 9.88
C TRP C 355 14.61 -5.18 10.87
N ASN C 356 14.70 -5.98 11.92
CA ASN C 356 15.70 -5.76 12.96
C ASN C 356 16.18 -7.08 13.55
N ALA D 6 27.36 18.99 -33.31
CA ALA D 6 27.79 18.05 -32.27
C ALA D 6 28.92 17.14 -32.78
N SER D 7 29.39 17.42 -34.00
CA SER D 7 30.48 16.64 -34.58
C SER D 7 31.77 16.85 -33.79
N ILE D 8 32.04 18.11 -33.41
CA ILE D 8 33.26 18.44 -32.69
C ILE D 8 33.04 18.60 -31.19
N ALA D 9 31.95 19.26 -30.78
CA ALA D 9 31.74 19.56 -29.37
C ALA D 9 31.58 18.30 -28.53
N GLN D 10 30.82 17.32 -29.03
CA GLN D 10 30.63 16.08 -28.28
C GLN D 10 31.92 15.26 -28.21
N ALA D 11 32.64 15.16 -29.33
CA ALA D 11 33.85 14.35 -29.36
C ALA D 11 34.95 14.96 -28.50
N ARG D 12 35.08 16.29 -28.51
CA ARG D 12 36.11 16.94 -27.72
C ARG D 12 35.77 16.95 -26.23
N LYS D 13 34.48 17.04 -25.89
CA LYS D 13 34.08 17.05 -24.49
C LYS D 13 34.40 15.74 -23.80
N LEU D 14 34.14 14.61 -24.48
CA LEU D 14 34.45 13.31 -23.89
C LEU D 14 35.96 13.07 -23.84
N VAL D 15 36.71 13.63 -24.77
CA VAL D 15 38.17 13.50 -24.73
C VAL D 15 38.75 14.30 -23.58
N GLU D 16 38.29 15.54 -23.39
CA GLU D 16 38.75 16.34 -22.27
C GLU D 16 38.31 15.75 -20.94
N GLN D 17 37.12 15.14 -20.89
CA GLN D 17 36.68 14.46 -19.68
C GLN D 17 37.57 13.26 -19.37
N LEU D 18 37.97 12.52 -20.40
CA LEU D 18 38.78 11.32 -20.18
C LEU D 18 40.21 11.67 -19.76
N LYS D 19 40.78 12.74 -20.34
CA LYS D 19 42.16 13.08 -20.04
C LYS D 19 42.32 13.63 -18.64
N MET D 20 41.31 14.32 -18.12
CA MET D 20 41.37 14.81 -16.75
C MET D 20 41.01 13.73 -15.74
N GLU D 21 40.28 12.69 -16.16
CA GLU D 21 39.97 11.57 -15.28
C GLU D 21 41.16 10.63 -15.14
N ALA D 22 42.00 10.53 -16.17
CA ALA D 22 43.19 9.70 -16.11
C ALA D 22 44.30 10.27 -15.24
N ASN D 23 44.22 11.57 -14.90
CA ASN D 23 45.20 12.21 -14.04
C ASN D 23 44.90 12.03 -12.56
N ILE D 24 43.80 11.36 -12.23
CA ILE D 24 43.44 11.14 -10.83
C ILE D 24 44.44 10.17 -10.21
N ASP D 25 45.00 10.55 -9.07
CA ASP D 25 45.94 9.69 -8.37
C ASP D 25 45.25 8.45 -7.85
N ARG D 26 45.92 7.30 -7.98
CA ARG D 26 45.36 6.02 -7.58
C ARG D 26 46.20 5.42 -6.46
N ILE D 27 45.54 4.67 -5.59
CA ILE D 27 46.16 4.01 -4.45
C ILE D 27 45.88 2.52 -4.59
N LYS D 28 46.91 1.70 -4.38
CA LYS D 28 46.78 0.26 -4.52
C LYS D 28 45.71 -0.29 -3.58
N VAL D 29 45.01 -1.32 -4.04
CA VAL D 29 43.83 -1.83 -3.35
C VAL D 29 44.18 -2.35 -1.95
N SER D 30 45.41 -2.86 -1.78
CA SER D 30 45.81 -3.37 -0.47
C SER D 30 45.71 -2.32 0.62
N LYS D 31 46.01 -1.05 0.28
CA LYS D 31 45.73 0.04 1.21
C LYS D 31 44.25 0.37 1.26
N ALA D 32 43.57 0.36 0.11
CA ALA D 32 42.17 0.76 0.05
C ALA D 32 41.24 -0.32 0.60
N ALA D 33 41.56 -1.60 0.36
CA ALA D 33 40.72 -2.67 0.88
C ALA D 33 40.87 -2.84 2.38
N ALA D 34 42.09 -2.63 2.91
CA ALA D 34 42.28 -2.71 4.35
C ALA D 34 41.58 -1.59 5.08
N ASP D 35 41.51 -0.40 4.47
CA ASP D 35 40.77 0.71 5.08
C ASP D 35 39.28 0.44 5.11
N LEU D 36 38.77 -0.32 4.15
CA LEU D 36 37.36 -0.69 4.17
C LEU D 36 37.08 -1.71 5.27
N MET D 37 37.99 -2.66 5.46
CA MET D 37 37.84 -3.62 6.56
C MET D 37 38.05 -2.95 7.92
N ALA D 38 38.91 -1.94 7.99
CA ALA D 38 39.16 -1.27 9.25
C ALA D 38 37.94 -0.49 9.73
N TYR D 39 37.11 -0.01 8.80
CA TYR D 39 35.91 0.71 9.19
C TYR D 39 34.91 -0.19 9.89
N CYS D 40 34.73 -1.42 9.39
CA CYS D 40 33.82 -2.35 10.03
C CYS D 40 34.37 -2.82 11.37
N GLU D 41 35.67 -3.06 11.46
CA GLU D 41 36.26 -3.50 12.72
C GLU D 41 36.20 -2.41 13.78
N ALA D 42 36.29 -1.13 13.38
CA ALA D 42 36.22 -0.04 14.34
C ALA D 42 34.79 0.22 14.81
N HIS D 43 33.79 -0.04 13.97
CA HIS D 43 32.41 0.25 14.29
C HIS D 43 31.56 -1.01 14.41
N ALA D 44 32.18 -2.15 14.71
CA ALA D 44 31.45 -3.41 14.77
C ALA D 44 30.44 -3.42 15.91
N LYS D 45 30.81 -2.88 17.07
CA LYS D 45 29.92 -2.92 18.23
C LYS D 45 28.71 -2.02 18.04
N GLU D 46 28.89 -0.87 17.38
CA GLU D 46 27.79 0.06 17.13
C GLU D 46 27.11 -0.23 15.79
N ASP D 47 26.71 -1.49 15.60
CA ASP D 47 25.98 -1.90 14.41
C ASP D 47 24.91 -2.90 14.86
N PRO D 48 23.72 -2.41 15.20
CA PRO D 48 22.67 -3.30 15.73
C PRO D 48 22.25 -4.41 14.78
N LEU D 49 22.27 -4.16 13.47
CA LEU D 49 21.91 -5.21 12.53
C LEU D 49 23.00 -6.27 12.42
N LEU D 50 24.25 -5.89 12.63
CA LEU D 50 25.36 -6.84 12.61
C LEU D 50 25.24 -7.84 13.75
N THR D 51 25.32 -7.35 14.99
CA THR D 51 25.18 -8.18 16.17
C THR D 51 23.86 -7.84 16.84
N PRO D 52 22.95 -8.81 17.00
CA PRO D 52 21.64 -8.50 17.61
C PRO D 52 21.77 -8.02 19.04
N VAL D 53 21.46 -6.74 19.25
CA VAL D 53 21.56 -6.11 20.57
C VAL D 53 20.45 -6.66 21.45
N PRO D 54 20.59 -6.61 22.77
CA PRO D 54 19.50 -7.06 23.65
C PRO D 54 18.25 -6.20 23.48
N ALA D 55 17.10 -6.82 23.70
CA ALA D 55 15.80 -6.20 23.44
C ALA D 55 15.47 -5.10 24.44
N SER D 56 16.27 -4.91 25.48
CA SER D 56 16.00 -3.87 26.47
C SER D 56 16.04 -2.48 25.84
N GLU D 57 17.12 -2.17 25.13
CA GLU D 57 17.26 -0.89 24.45
C GLU D 57 16.78 -0.91 23.01
N ASN D 58 16.35 -2.07 22.52
CA ASN D 58 15.82 -2.15 21.16
C ASN D 58 14.47 -1.45 21.12
N PRO D 59 14.29 -0.46 20.24
CA PRO D 59 13.05 0.34 20.24
C PRO D 59 11.94 -0.20 19.35
N PHE D 60 12.18 -1.28 18.62
CA PHE D 60 11.18 -1.85 17.72
C PHE D 60 10.55 -3.11 18.29
N ARG D 61 10.65 -3.32 19.61
CA ARG D 61 10.14 -4.55 20.21
C ARG D 61 8.62 -4.49 20.38
N GLU D 62 8.13 -3.55 21.19
CA GLU D 62 6.71 -3.44 21.47
C GLU D 62 6.31 -1.98 21.71
N VAL E 2 -1.68 32.59 10.96
CA VAL E 2 -1.86 31.75 12.14
C VAL E 2 -2.43 32.58 13.27
N GLN E 3 -3.71 32.41 13.54
CA GLN E 3 -4.36 33.15 14.62
C GLN E 3 -5.55 32.36 15.12
N LEU E 4 -5.96 32.66 16.35
CA LEU E 4 -7.13 32.05 16.97
C LEU E 4 -7.92 33.16 17.64
N VAL E 5 -8.95 33.65 16.95
CA VAL E 5 -9.78 34.73 17.47
C VAL E 5 -10.95 34.08 18.21
N GLU E 6 -10.84 34.01 19.53
CA GLU E 6 -11.91 33.47 20.35
C GLU E 6 -12.97 34.55 20.57
N SER E 7 -14.23 34.16 20.43
CA SER E 7 -15.36 35.08 20.54
C SER E 7 -16.26 34.65 21.69
N GLY E 8 -17.30 35.43 21.92
CA GLY E 8 -18.22 35.17 23.02
C GLY E 8 -17.71 35.68 24.35
N GLY E 9 -18.42 35.30 25.41
CA GLY E 9 -18.03 35.64 26.75
C GLY E 9 -18.49 37.02 27.17
N GLY E 10 -18.38 37.28 28.47
CA GLY E 10 -18.79 38.53 29.05
C GLY E 10 -19.46 38.29 30.38
N LEU E 11 -20.32 39.23 30.78
CA LEU E 11 -21.06 39.12 32.02
C LEU E 11 -22.23 38.17 31.83
N VAL E 12 -22.25 37.07 32.59
CA VAL E 12 -23.31 36.07 32.53
C VAL E 12 -23.92 35.92 33.91
N GLN E 13 -25.24 35.91 33.97
CA GLN E 13 -25.94 35.69 35.22
C GLN E 13 -25.69 34.27 35.72
N PRO E 14 -25.69 34.06 37.04
CA PRO E 14 -25.45 32.71 37.57
C PRO E 14 -26.54 31.73 37.15
N GLY E 15 -26.13 30.48 36.93
CA GLY E 15 -27.04 29.43 36.54
C GLY E 15 -27.41 29.40 35.07
N GLY E 16 -26.88 30.32 34.27
CA GLY E 16 -27.18 30.38 32.86
C GLY E 16 -26.22 29.56 32.02
N SER E 17 -26.23 29.87 30.72
CA SER E 17 -25.35 29.21 29.76
C SER E 17 -24.74 30.26 28.84
N ARG E 18 -23.57 29.95 28.31
CA ARG E 18 -22.88 30.87 27.39
C ARG E 18 -22.05 30.03 26.43
N LYS E 19 -22.23 30.27 25.14
CA LYS E 19 -21.51 29.55 24.10
C LYS E 19 -20.22 30.29 23.75
N LEU E 20 -19.09 29.66 24.01
CA LEU E 20 -17.79 30.22 23.65
C LEU E 20 -17.34 29.65 22.32
N SER E 21 -16.90 30.52 21.42
CA SER E 21 -16.52 30.14 20.06
C SER E 21 -15.12 30.64 19.75
N CYS E 22 -14.38 29.86 18.97
CA CYS E 22 -13.06 30.24 18.47
C CYS E 22 -13.08 30.24 16.96
N SER E 23 -12.67 31.34 16.35
CA SER E 23 -12.60 31.46 14.89
C SER E 23 -11.17 31.18 14.44
N ALA E 24 -10.82 29.90 14.44
CA ALA E 24 -9.49 29.49 14.03
C ALA E 24 -9.28 29.73 12.55
N SER E 25 -8.11 30.27 12.20
CA SER E 25 -7.80 30.56 10.80
C SER E 25 -6.29 30.67 10.64
N GLY E 26 -5.84 30.52 9.39
CA GLY E 26 -4.42 30.60 9.08
C GLY E 26 -3.66 29.30 9.18
N PHE E 27 -4.33 28.18 9.46
CA PHE E 27 -3.66 26.90 9.58
C PHE E 27 -4.62 25.78 9.23
N ALA E 28 -4.08 24.56 9.16
CA ALA E 28 -4.86 23.35 8.91
C ALA E 28 -5.53 22.93 10.22
N PHE E 29 -6.65 23.60 10.51
CA PHE E 29 -7.35 23.39 11.78
C PHE E 29 -7.89 21.97 11.90
N SER E 30 -8.23 21.34 10.78
CA SER E 30 -8.86 20.03 10.79
C SER E 30 -7.93 18.93 11.30
N SER E 31 -6.63 19.18 11.40
CA SER E 31 -5.68 18.22 11.94
C SER E 31 -5.12 18.64 13.28
N PHE E 32 -5.76 19.59 13.95
CA PHE E 32 -5.28 20.13 15.22
C PHE E 32 -6.21 19.71 16.35
N GLY E 33 -5.64 19.09 17.38
CA GLY E 33 -6.40 18.78 18.57
C GLY E 33 -6.55 20.02 19.43
N MET E 34 -7.75 20.59 19.44
CA MET E 34 -7.99 21.85 20.10
C MET E 34 -8.11 21.66 21.61
N HIS E 35 -7.91 22.76 22.34
CA HIS E 35 -7.98 22.77 23.79
C HIS E 35 -8.82 23.95 24.24
N TRP E 36 -8.98 24.06 25.56
CA TRP E 36 -9.48 25.26 26.21
C TRP E 36 -8.79 25.35 27.56
N VAL E 37 -8.22 26.51 27.86
CA VAL E 37 -7.52 26.73 29.11
C VAL E 37 -8.10 27.98 29.76
N ARG E 38 -8.54 27.84 31.01
CA ARG E 38 -9.09 28.97 31.74
C ARG E 38 -8.03 29.60 32.62
N GLN E 39 -8.34 30.80 33.12
CA GLN E 39 -7.41 31.52 33.99
C GLN E 39 -8.22 32.52 34.80
N ALA E 40 -8.24 32.34 36.12
CA ALA E 40 -8.86 33.31 37.00
C ALA E 40 -8.05 34.61 36.99
N PRO E 41 -8.70 35.76 37.20
CA PRO E 41 -7.96 37.03 37.17
C PRO E 41 -6.86 37.13 38.22
N GLU E 42 -6.99 36.43 39.34
CA GLU E 42 -5.97 36.43 40.38
C GLU E 42 -5.19 35.12 40.47
N LYS E 43 -5.77 34.01 40.04
CA LYS E 43 -5.13 32.70 40.15
C LYS E 43 -4.40 32.38 38.84
N GLY E 44 -3.89 31.16 38.75
CA GLY E 44 -3.17 30.72 37.57
C GLY E 44 -4.06 30.06 36.54
N LEU E 45 -3.41 29.42 35.56
CA LEU E 45 -4.14 28.73 34.51
C LEU E 45 -4.77 27.45 35.03
N GLU E 46 -5.77 26.97 34.30
CA GLU E 46 -6.44 25.71 34.62
C GLU E 46 -7.06 25.17 33.33
N TRP E 47 -6.69 23.95 32.98
CA TRP E 47 -7.16 23.35 31.73
C TRP E 47 -8.65 23.03 31.83
N VAL E 48 -9.37 23.20 30.73
CA VAL E 48 -10.82 23.04 30.69
C VAL E 48 -11.23 21.77 29.93
N ALA E 49 -10.77 21.63 28.69
CA ALA E 49 -11.22 20.52 27.85
C ALA E 49 -10.20 20.31 26.74
N TYR E 50 -10.41 19.24 25.98
CA TYR E 50 -9.55 18.93 24.84
C TYR E 50 -10.36 18.11 23.85
N ILE E 51 -10.63 18.67 22.68
CA ILE E 51 -11.27 17.93 21.59
C ILE E 51 -10.20 17.66 20.54
N SER E 52 -10.04 16.39 20.18
CA SER E 52 -9.02 16.00 19.23
C SER E 52 -9.46 16.39 17.83
N SER E 53 -8.65 16.03 16.82
CA SER E 53 -9.02 16.30 15.45
C SER E 53 -10.25 15.48 15.05
N GLY E 54 -10.99 15.99 14.06
CA GLY E 54 -12.14 15.29 13.55
C GLY E 54 -13.24 15.00 14.55
N SER E 55 -13.30 15.78 15.64
CA SER E 55 -14.26 15.57 16.73
C SER E 55 -14.14 14.16 17.32
N GLY E 56 -12.90 13.79 17.65
CA GLY E 56 -12.64 12.46 18.16
C GLY E 56 -12.76 12.35 19.67
N THR E 57 -11.69 11.92 20.33
CA THR E 57 -11.72 11.78 21.78
C THR E 57 -11.80 13.15 22.44
N ILE E 58 -12.72 13.28 23.39
CA ILE E 58 -12.99 14.55 24.07
C ILE E 58 -12.80 14.33 25.57
N TYR E 59 -11.98 15.16 26.19
CA TYR E 59 -11.76 15.13 27.63
C TYR E 59 -12.28 16.43 28.25
N TYR E 60 -12.52 16.38 29.55
CA TYR E 60 -12.94 17.55 30.30
C TYR E 60 -12.22 17.57 31.64
N ALA E 61 -12.11 18.76 32.21
CA ALA E 61 -11.61 18.90 33.57
C ALA E 61 -12.61 18.30 34.55
N ASP E 62 -12.09 17.68 35.61
CA ASP E 62 -12.96 17.09 36.61
C ASP E 62 -13.79 18.13 37.34
N THR E 63 -13.36 19.39 37.34
CA THR E 63 -14.14 20.45 37.97
C THR E 63 -15.44 20.72 37.22
N VAL E 64 -15.40 20.67 35.89
CA VAL E 64 -16.52 21.10 35.07
C VAL E 64 -16.96 20.02 34.08
N LYS E 65 -16.62 18.76 34.35
CA LYS E 65 -17.02 17.68 33.47
C LYS E 65 -18.53 17.48 33.51
N GLY E 66 -19.11 17.20 32.36
CA GLY E 66 -20.56 16.97 32.25
C GLY E 66 -21.38 18.18 31.88
N ARG E 67 -21.24 19.27 32.65
CA ARG E 67 -21.95 20.50 32.33
C ARG E 67 -21.25 21.33 31.25
N PHE E 68 -19.99 21.01 30.95
CA PHE E 68 -19.28 21.59 29.81
C PHE E 68 -19.34 20.58 28.66
N THR E 69 -19.84 21.03 27.51
CA THR E 69 -19.83 20.21 26.31
C THR E 69 -19.12 20.96 25.19
N ILE E 70 -18.18 20.28 24.54
CA ILE E 70 -17.32 20.90 23.55
C ILE E 70 -17.68 20.37 22.16
N SER E 71 -17.35 21.16 21.15
CA SER E 71 -17.58 20.77 19.77
C SER E 71 -16.66 21.58 18.87
N ARG E 72 -16.44 21.06 17.66
CA ARG E 72 -15.64 21.75 16.66
C ARG E 72 -16.35 21.68 15.31
N ASP E 73 -16.04 22.65 14.47
CA ASP E 73 -16.58 22.71 13.11
C ASP E 73 -15.39 22.71 12.15
N ASP E 74 -15.06 21.53 11.64
CA ASP E 74 -13.93 21.41 10.71
C ASP E 74 -14.12 22.18 9.41
N PRO E 75 -15.25 22.08 8.68
CA PRO E 75 -15.38 22.89 7.46
C PRO E 75 -15.38 24.38 7.71
N LYS E 76 -15.91 24.84 8.84
CA LYS E 76 -15.96 26.27 9.15
C LYS E 76 -14.72 26.75 9.88
N ASN E 77 -13.80 25.84 10.25
CA ASN E 77 -12.60 26.17 11.01
C ASN E 77 -12.95 26.88 12.32
N THR E 78 -14.05 26.47 12.93
CA THR E 78 -14.59 27.11 14.13
C THR E 78 -14.65 26.10 15.25
N LEU E 79 -14.23 26.51 16.44
CA LEU E 79 -14.24 25.67 17.63
C LEU E 79 -15.18 26.24 18.66
N PHE E 80 -16.08 25.42 19.18
CA PHE E 80 -17.09 25.85 20.14
C PHE E 80 -16.84 25.23 21.50
N LEU E 81 -17.33 25.92 22.53
CA LEU E 81 -17.36 25.37 23.89
C LEU E 81 -18.70 25.79 24.51
N GLN E 82 -19.57 24.82 24.73
CA GLN E 82 -20.89 25.07 25.30
C GLN E 82 -20.88 24.66 26.77
N MET E 83 -21.25 25.59 27.65
CA MET E 83 -21.26 25.36 29.08
C MET E 83 -22.58 25.85 29.66
N THR E 84 -23.08 25.12 30.65
CA THR E 84 -24.36 25.42 31.28
C THR E 84 -24.18 25.50 32.79
N SER E 85 -25.08 26.25 33.43
CA SER E 85 -25.07 26.47 34.88
C SER E 85 -23.73 27.07 35.33
N LEU E 86 -23.47 28.28 34.86
CA LEU E 86 -22.22 28.96 35.15
C LEU E 86 -22.17 29.35 36.62
N ARG E 87 -21.33 28.66 37.40
CA ARG E 87 -21.21 28.91 38.81
C ARG E 87 -20.35 30.15 39.06
N SER E 88 -20.09 30.43 40.34
CA SER E 88 -19.24 31.56 40.72
C SER E 88 -17.76 31.28 40.47
N GLU E 89 -17.38 30.04 40.21
CA GLU E 89 -16.00 29.67 39.96
C GLU E 89 -15.64 29.70 38.48
N ASP E 90 -16.56 30.13 37.62
CA ASP E 90 -16.31 30.22 36.19
C ASP E 90 -16.06 31.65 35.74
N THR E 91 -15.60 32.51 36.64
CA THR E 91 -15.25 33.89 36.29
C THR E 91 -13.78 33.98 35.85
N ALA E 92 -13.43 33.12 34.91
CA ALA E 92 -12.06 32.98 34.44
C ALA E 92 -11.96 33.41 32.99
N MET E 93 -10.73 33.64 32.55
CA MET E 93 -10.44 33.96 31.16
C MET E 93 -10.10 32.67 30.43
N TYR E 94 -11.01 32.24 29.54
CA TYR E 94 -10.87 30.97 28.84
C TYR E 94 -10.07 31.18 27.57
N TYR E 95 -8.83 30.70 27.57
CA TYR E 95 -7.98 30.77 26.39
C TYR E 95 -8.23 29.55 25.51
N CYS E 96 -8.01 29.73 24.21
CA CYS E 96 -8.18 28.66 23.24
C CYS E 96 -6.82 28.30 22.65
N VAL E 97 -6.47 27.02 22.74
CA VAL E 97 -5.14 26.55 22.37
C VAL E 97 -5.28 25.53 21.24
N ARG E 98 -4.33 25.56 20.32
CA ARG E 98 -4.18 24.51 19.33
C ARG E 98 -3.05 23.59 19.75
N SER E 99 -3.12 22.33 19.34
CA SER E 99 -2.09 21.35 19.68
C SER E 99 -2.19 20.19 18.71
N ILE E 100 -1.08 19.83 18.10
CA ILE E 100 -1.01 18.68 17.20
C ILE E 100 -0.09 17.65 17.82
N TYR E 101 -0.42 16.37 17.63
CA TYR E 101 0.30 15.29 18.28
C TYR E 101 0.82 14.32 17.23
N TYR E 102 2.11 14.44 16.92
CA TYR E 102 2.85 13.42 16.21
C TYR E 102 4.27 13.41 16.79
N TYR E 103 5.13 12.55 16.24
CA TYR E 103 6.49 12.48 16.75
C TYR E 103 7.25 13.74 16.38
N GLY E 104 7.77 14.44 17.39
CA GLY E 104 8.46 15.69 17.19
C GLY E 104 7.57 16.90 17.15
N SER E 105 6.27 16.73 17.33
CA SER E 105 5.34 17.86 17.30
C SER E 105 5.50 18.72 18.55
N SER E 106 4.97 19.94 18.46
CA SER E 106 5.03 20.92 19.54
C SER E 106 3.61 21.30 19.93
N PRO E 107 2.97 20.54 20.81
CA PRO E 107 1.61 20.89 21.25
C PRO E 107 1.60 22.17 22.07
N PHE E 108 0.42 22.80 22.09
CA PHE E 108 0.18 24.05 22.82
C PHE E 108 1.04 25.18 22.30
N ASP E 109 1.43 25.12 21.02
CA ASP E 109 2.39 26.08 20.49
C ASP E 109 1.79 27.47 20.33
N PHE E 110 0.57 27.55 19.80
CA PHE E 110 -0.08 28.84 19.58
C PHE E 110 -1.36 28.89 20.40
N TRP E 111 -1.48 29.93 21.21
CA TRP E 111 -2.65 30.14 22.06
C TRP E 111 -3.45 31.32 21.53
N GLY E 112 -4.77 31.16 21.49
CA GLY E 112 -5.61 32.28 21.16
C GLY E 112 -5.61 33.32 22.26
N GLN E 113 -6.10 34.52 21.92
CA GLN E 113 -6.14 35.60 22.91
C GLN E 113 -7.19 35.36 23.98
N GLY E 114 -8.12 34.45 23.74
CA GLY E 114 -9.09 34.07 24.75
C GLY E 114 -10.18 35.10 24.94
N THR E 115 -11.15 34.73 25.78
CA THR E 115 -12.28 35.58 26.10
C THR E 115 -12.43 35.68 27.61
N THR E 116 -12.97 36.82 28.05
CA THR E 116 -13.14 37.09 29.47
C THR E 116 -14.55 36.73 29.88
N LEU E 117 -14.68 35.88 30.90
CA LEU E 117 -15.96 35.53 31.50
C LEU E 117 -16.05 36.12 32.89
N THR E 118 -17.21 36.66 33.22
CA THR E 118 -17.51 37.14 34.56
C THR E 118 -18.91 36.69 34.95
N VAL E 119 -19.06 36.35 36.23
CA VAL E 119 -20.35 35.89 36.76
C VAL E 119 -20.69 36.73 37.98
N SER E 120 -21.99 36.86 38.25
CA SER E 120 -22.45 37.65 39.37
C SER E 120 -22.30 36.87 40.67
N SER E 121 -21.91 37.58 41.73
CA SER E 121 -21.72 36.97 43.03
C SER E 121 -21.98 37.97 44.16
N SER E 136 -5.04 11.11 42.33
CA SER E 136 -5.48 10.98 40.95
C SER E 136 -4.74 11.96 40.04
N ASP E 137 -5.12 13.23 40.13
CA ASP E 137 -4.48 14.27 39.34
C ASP E 137 -3.04 14.50 39.79
N ILE E 138 -2.19 14.82 38.82
CA ILE E 138 -0.81 15.20 39.13
C ILE E 138 -0.82 16.65 39.60
N VAL E 139 -0.27 16.89 40.79
CA VAL E 139 -0.27 18.23 41.36
C VAL E 139 0.91 19.01 40.82
N MET E 140 0.65 20.21 40.31
CA MET E 140 1.68 21.09 39.78
C MET E 140 1.75 22.32 40.66
N THR E 141 2.85 22.46 41.41
CA THR E 141 3.06 23.59 42.29
C THR E 141 4.44 24.19 42.05
N GLN E 142 4.51 25.52 42.06
CA GLN E 142 5.78 26.24 41.99
C GLN E 142 5.80 27.23 43.14
N ALA E 143 6.65 26.97 44.13
CA ALA E 143 6.73 27.80 45.32
C ALA E 143 7.29 29.19 45.03
N THR E 144 7.98 29.38 43.92
CA THR E 144 8.50 30.69 43.55
C THR E 144 7.38 31.56 43.02
N SER E 145 7.29 32.79 43.51
CA SER E 145 6.27 33.74 43.06
C SER E 145 6.77 35.15 43.35
N SER E 146 6.43 36.07 42.47
CA SER E 146 6.88 37.47 42.54
C SER E 146 8.41 37.54 42.63
N VAL E 147 9.08 36.76 41.79
CA VAL E 147 10.54 36.65 41.81
C VAL E 147 11.14 37.93 41.24
N PRO E 148 11.99 38.62 42.01
CA PRO E 148 12.68 39.80 41.48
C PRO E 148 14.04 39.45 40.88
N VAL E 149 14.32 40.07 39.73
CA VAL E 149 15.58 39.83 39.02
C VAL E 149 15.78 40.99 38.04
N THR E 150 17.06 41.35 37.83
CA THR E 150 17.45 42.39 36.89
C THR E 150 17.63 41.81 35.50
N PRO E 151 17.34 42.60 34.45
CA PRO E 151 17.59 42.12 33.08
C PRO E 151 19.08 41.92 32.83
N GLY E 152 19.38 40.93 31.99
CA GLY E 152 20.75 40.56 31.70
C GLY E 152 21.35 39.52 32.62
N GLU E 153 20.66 39.18 33.71
CA GLU E 153 21.14 38.15 34.62
C GLU E 153 20.63 36.78 34.14
N SER E 154 20.74 35.76 34.99
CA SER E 154 20.22 34.44 34.68
C SER E 154 19.27 34.01 35.80
N VAL E 155 18.07 33.56 35.42
CA VAL E 155 17.06 33.12 36.36
C VAL E 155 16.64 31.70 35.99
N SER E 156 16.55 30.82 36.97
CA SER E 156 16.14 29.43 36.76
C SER E 156 15.00 29.13 37.74
N ILE E 157 13.76 29.44 37.33
CA ILE E 157 12.62 29.10 38.16
C ILE E 157 12.37 27.60 38.10
N SER E 158 11.62 27.10 39.09
CA SER E 158 11.40 25.68 39.25
C SER E 158 9.91 25.39 39.38
N CYS E 159 9.53 24.17 39.02
CA CYS E 159 8.17 23.68 39.13
C CYS E 159 8.20 22.27 39.71
N ARG E 160 7.26 21.99 40.61
CA ARG E 160 7.22 20.72 41.32
C ARG E 160 6.04 19.89 40.85
N SER E 161 6.27 18.59 40.63
CA SER E 161 5.24 17.66 40.21
C SER E 161 5.01 16.62 41.30
N SER E 162 3.81 16.04 41.31
CA SER E 162 3.49 15.01 42.29
C SER E 162 4.27 13.73 42.03
N LYS E 163 4.38 13.32 40.76
CA LYS E 163 5.07 12.10 40.40
C LYS E 163 5.94 12.37 39.18
N SER E 164 6.64 11.33 38.73
CA SER E 164 7.54 11.48 37.58
C SER E 164 6.73 11.58 36.29
N LEU E 165 7.08 12.56 35.47
CA LEU E 165 6.46 12.74 34.16
C LEU E 165 7.21 12.02 33.06
N LEU E 166 8.36 11.41 33.36
CA LEU E 166 9.11 10.67 32.36
C LEU E 166 8.39 9.36 32.07
N HIS E 167 8.21 9.06 30.79
CA HIS E 167 7.42 7.92 30.34
C HIS E 167 8.32 6.75 29.95
N SER E 168 7.68 5.62 29.65
CA SER E 168 8.42 4.44 29.20
C SER E 168 9.10 4.70 27.87
N ASN E 169 8.48 5.47 26.98
CA ASN E 169 9.09 5.81 25.71
C ASN E 169 10.27 6.77 25.87
N GLY E 170 10.27 7.58 26.93
CA GLY E 170 11.33 8.53 27.16
C GLY E 170 10.94 9.99 27.01
N ASN E 171 9.66 10.28 26.81
CA ASN E 171 9.19 11.65 26.64
C ASN E 171 8.61 12.15 27.97
N THR E 172 9.10 13.30 28.42
CA THR E 172 8.64 13.91 29.66
C THR E 172 7.69 15.05 29.31
N TYR E 173 6.40 14.83 29.55
CA TYR E 173 5.35 15.74 29.09
C TYR E 173 5.14 16.87 30.10
N LEU E 174 6.18 17.66 30.27
CA LEU E 174 6.12 18.92 31.01
C LEU E 174 6.12 20.06 30.01
N TYR E 175 5.28 21.06 30.23
CA TYR E 175 5.17 22.19 29.33
C TYR E 175 5.44 23.48 30.07
N TRP E 176 6.14 24.39 29.41
CA TRP E 176 6.49 25.69 29.95
C TRP E 176 5.92 26.78 29.07
N PHE E 177 5.15 27.68 29.65
CA PHE E 177 4.53 28.77 28.93
C PHE E 177 5.06 30.10 29.43
N LEU E 178 4.54 31.18 28.86
CA LEU E 178 4.95 32.53 29.26
C LEU E 178 3.77 33.46 28.98
N GLN E 179 3.05 33.81 30.03
CA GLN E 179 1.98 34.79 29.95
C GLN E 179 2.58 36.15 30.25
N ARG E 180 3.05 36.84 29.20
CA ARG E 180 3.51 38.20 29.35
C ARG E 180 2.35 39.08 29.77
N PRO E 181 2.61 40.14 30.54
CA PRO E 181 1.51 40.94 31.12
C PRO E 181 0.64 41.57 30.04
N GLY E 182 -0.63 41.17 30.02
CA GLY E 182 -1.59 41.67 29.07
C GLY E 182 -1.65 40.92 27.75
N GLN E 183 -1.01 39.76 27.64
CA GLN E 183 -0.99 39.02 26.38
C GLN E 183 -1.23 37.54 26.66
N SER E 184 -1.68 36.84 25.62
CA SER E 184 -1.99 35.43 25.73
C SER E 184 -0.72 34.61 25.98
N PRO E 185 -0.84 33.46 26.65
CA PRO E 185 0.34 32.63 26.92
C PRO E 185 1.00 32.15 25.64
N GLN E 186 2.32 31.98 25.72
CA GLN E 186 3.13 31.58 24.59
C GLN E 186 4.03 30.42 25.01
N LEU E 187 4.02 29.35 24.23
CA LEU E 187 4.79 28.16 24.59
C LEU E 187 6.28 28.43 24.47
N LEU E 188 7.04 27.96 25.47
CA LEU E 188 8.49 28.07 25.47
C LEU E 188 9.17 26.71 25.33
N ILE E 189 8.83 25.75 26.18
CA ILE E 189 9.44 24.43 26.18
C ILE E 189 8.31 23.42 26.28
N TYR E 190 8.12 22.62 25.22
CA TYR E 190 6.99 21.71 25.14
C TYR E 190 7.32 20.29 25.58
N ARG E 191 8.46 20.10 26.25
CA ARG E 191 8.87 18.80 26.78
C ARG E 191 9.74 19.08 28.00
N MET E 192 10.57 18.10 28.38
CA MET E 192 11.60 18.37 29.36
C MET E 192 12.45 19.58 28.96
N SER E 193 12.97 19.56 27.73
CA SER E 193 13.88 20.58 27.26
C SER E 193 13.65 21.01 25.82
N ASN E 194 12.59 20.53 25.16
CA ASN E 194 12.40 20.78 23.73
C ASN E 194 11.93 22.21 23.52
N LEU E 195 12.83 23.05 23.01
CA LEU E 195 12.52 24.46 22.81
C LEU E 195 11.53 24.63 21.67
N ALA E 196 10.56 25.52 21.87
CA ALA E 196 9.53 25.77 20.87
C ALA E 196 10.12 26.55 19.70
N SER E 197 9.36 26.59 18.62
CA SER E 197 9.75 27.32 17.42
C SER E 197 9.13 28.71 17.46
N GLY E 198 9.96 29.73 17.23
CA GLY E 198 9.53 31.11 17.33
C GLY E 198 9.94 31.80 18.62
N VAL E 199 10.63 31.11 19.52
CA VAL E 199 11.10 31.69 20.77
C VAL E 199 12.62 31.74 20.73
N PRO E 200 13.26 32.67 21.43
CA PRO E 200 14.72 32.75 21.41
C PRO E 200 15.36 31.54 22.08
N ASP E 201 16.62 31.30 21.72
CA ASP E 201 17.38 30.16 22.22
C ASP E 201 17.77 30.29 23.69
N ARG E 202 17.55 31.45 24.30
CA ARG E 202 17.96 31.67 25.69
C ARG E 202 17.22 30.74 26.64
N PHE E 203 15.93 30.49 26.38
CA PHE E 203 15.16 29.60 27.23
C PHE E 203 15.69 28.17 27.15
N SER E 204 15.71 27.49 28.29
CA SER E 204 16.20 26.11 28.35
C SER E 204 15.56 25.43 29.56
N GLY E 205 14.54 24.62 29.30
CA GLY E 205 13.97 23.81 30.35
C GLY E 205 14.87 22.64 30.71
N SER E 206 14.74 22.19 31.94
CA SER E 206 15.60 21.11 32.45
C SER E 206 14.90 20.45 33.63
N GLY E 207 15.64 19.68 34.40
CA GLY E 207 15.08 18.88 35.48
C GLY E 207 14.92 17.43 35.04
N SER E 208 14.56 16.60 36.02
CA SER E 208 14.36 15.19 35.75
C SER E 208 13.41 14.61 36.79
N GLY E 209 12.68 13.57 36.38
CA GLY E 209 11.78 12.88 37.28
C GLY E 209 10.64 13.75 37.77
N THR E 210 10.68 14.12 39.05
CA THR E 210 9.66 14.97 39.63
C THR E 210 10.07 16.44 39.64
N ALA E 211 11.33 16.73 39.91
CA ALA E 211 11.80 18.11 39.98
C ALA E 211 11.98 18.66 38.57
N PHE E 212 11.40 19.83 38.32
CA PHE E 212 11.45 20.47 37.01
C PHE E 212 11.82 21.94 37.16
N THR E 213 12.59 22.44 36.20
CA THR E 213 13.02 23.83 36.23
C THR E 213 13.20 24.32 34.80
N LEU E 214 13.11 25.64 34.63
CA LEU E 214 13.30 26.29 33.34
C LEU E 214 14.34 27.39 33.51
N THR E 215 15.39 27.33 32.72
CA THR E 215 16.54 28.21 32.85
C THR E 215 16.61 29.19 31.67
N ILE E 216 17.02 30.41 31.97
CA ILE E 216 17.22 31.45 30.96
C ILE E 216 18.66 31.92 31.05
N SER E 217 19.34 31.98 29.90
CA SER E 217 20.73 32.45 29.89
C SER E 217 20.81 33.92 30.27
N ARG E 218 20.17 34.79 29.48
CA ARG E 218 20.00 36.19 29.84
C ARG E 218 18.57 36.59 29.49
N LEU E 219 17.98 37.43 30.33
CA LEU E 219 16.62 37.88 30.10
C LEU E 219 16.62 39.33 29.66
N GLU E 220 15.88 39.63 28.60
CA GLU E 220 15.70 40.99 28.13
C GLU E 220 14.51 41.61 28.84
N ALA E 221 14.13 42.82 28.42
CA ALA E 221 12.95 43.47 28.98
C ALA E 221 11.64 42.88 28.44
N GLU E 222 11.71 42.02 27.44
CA GLU E 222 10.52 41.46 26.82
C GLU E 222 10.08 40.16 27.49
N ASP E 223 11.01 39.24 27.71
CA ASP E 223 10.69 37.91 28.25
C ASP E 223 10.51 37.96 29.77
N VAL E 224 9.53 38.77 30.20
CA VAL E 224 9.17 38.89 31.60
C VAL E 224 7.66 38.76 31.70
N GLY E 225 7.20 38.33 32.86
CA GLY E 225 5.78 38.09 33.08
C GLY E 225 5.61 36.98 34.11
N VAL E 226 4.62 36.13 33.87
CA VAL E 226 4.35 34.97 34.72
C VAL E 226 4.52 33.71 33.90
N TYR E 227 5.35 32.79 34.40
CA TYR E 227 5.65 31.54 33.72
C TYR E 227 4.82 30.42 34.32
N TYR E 228 4.18 29.63 33.47
CA TYR E 228 3.30 28.56 33.90
C TYR E 228 3.90 27.21 33.50
N CYS E 229 3.96 26.29 34.44
CA CYS E 229 4.37 24.91 34.17
C CYS E 229 3.13 24.03 34.10
N MET E 230 3.15 23.05 33.21
CA MET E 230 1.98 22.22 32.99
C MET E 230 2.42 20.82 32.62
N GLN E 231 1.73 19.82 33.17
CA GLN E 231 1.95 18.43 32.80
C GLN E 231 1.03 18.03 31.66
N HIS E 232 1.47 17.05 30.87
CA HIS E 232 0.63 16.46 29.84
C HIS E 232 0.70 14.94 29.86
N LEU E 233 1.13 14.36 30.99
CA LEU E 233 1.27 12.92 31.09
C LEU E 233 -0.08 12.22 30.96
N GLU E 234 -1.11 12.77 31.58
CA GLU E 234 -2.44 12.17 31.54
C GLU E 234 -3.47 13.24 31.85
N TYR E 235 -4.70 12.95 31.47
CA TYR E 235 -5.75 13.92 31.77
C TYR E 235 -6.34 13.63 33.15
N PRO E 236 -6.73 14.66 33.92
CA PRO E 236 -6.77 16.08 33.58
C PRO E 236 -5.40 16.76 33.65
N LEU E 237 -5.24 17.86 32.92
CA LEU E 237 -3.98 18.58 32.86
C LEU E 237 -4.00 19.68 33.91
N THR E 238 -2.95 19.73 34.73
CA THR E 238 -2.88 20.67 35.85
C THR E 238 -1.74 21.64 35.62
N PHE E 239 -2.00 22.92 35.86
CA PHE E 239 -1.02 23.98 35.72
C PHE E 239 -0.40 24.31 37.08
N GLY E 240 0.76 24.98 37.02
CA GLY E 240 1.36 25.52 38.22
C GLY E 240 0.69 26.81 38.64
N ALA E 241 1.15 27.35 39.76
CA ALA E 241 0.62 28.60 40.27
C ALA E 241 1.28 29.77 39.52
N GLY E 242 1.04 30.99 39.99
CA GLY E 242 1.63 32.14 39.36
C GLY E 242 3.08 32.35 39.75
N THR E 243 3.98 32.24 38.78
CA THR E 243 5.40 32.50 38.98
C THR E 243 5.73 33.78 38.21
N LYS E 244 5.49 34.91 38.85
CA LYS E 244 5.56 36.22 38.19
C LYS E 244 6.98 36.76 38.29
N LEU E 245 7.70 36.72 37.17
CA LEU E 245 9.01 37.36 37.13
C LEU E 245 8.84 38.88 37.14
N GLU E 246 9.68 39.55 37.93
CA GLU E 246 9.64 40.99 38.07
C GLU E 246 10.94 41.61 37.55
N LEU E 247 10.83 42.81 37.02
CA LEU E 247 11.99 43.52 36.49
C LEU E 247 12.46 44.59 37.45
OAA NKP F . -33.44 -46.11 8.74
OAB NKP F . -31.79 -44.36 9.47
PAC NKP F . -33.10 -44.64 8.77
OAD NKP F . -34.24 -43.78 9.28
OAE NKP F . -32.38 -37.92 5.56
OAF NKP F . -32.89 -44.19 7.23
CAG NKP F . -32.56 -42.82 6.94
CAH NKP F . -33.75 -42.15 6.30
CAI NKP F . -34.03 -40.77 6.83
OAJ NKP F . -32.94 -39.90 6.45
CAK NKP F . -33.22 -38.69 5.92
CAL NKP F . -34.70 -38.43 5.82
CAM NKP F . -35.05 -36.99 5.45
CAN NKP F . -34.70 -35.98 6.52
CAO NKP F . -34.93 -34.54 6.11
CAP NKP F . -34.30 -33.52 7.05
CAQ NKP F . -34.31 -32.11 6.50
CAR NKP F . -33.51 -31.94 5.20
CAS NKP F . -32.03 -32.11 5.39
CAT NKP F . -31.30 -33.14 5.00
CAU NKP F . -31.80 -34.37 4.31
CAV NKP F . -31.28 -34.52 2.88
CAW NKP F . -31.72 -33.42 1.94
CAX NKP F . -33.23 -33.31 1.73
CAY NKP F . -33.83 -34.32 0.74
CAZ NKP F . -34.36 -35.60 1.37
CBA NKP F . -33.49 -36.82 1.15
CBB NKP F . -34.05 -38.06 1.79
OBC NKP F . -33.54 -42.07 4.88
#